data_4IED
#
_entry.id   4IED
#
_cell.length_a   43.945
_cell.length_b   65.670
_cell.length_c   91.698
_cell.angle_alpha   84.59
_cell.angle_beta   82.91
_cell.angle_gamma   70.12
#
_symmetry.space_group_name_H-M   'P 1'
#
loop_
_entity.id
_entity.type
_entity.pdbx_description
1 polymer 'Class D beta-lactamase'
2 non-polymer 'MAGNESIUM ION'
3 non-polymer 'CHLORIDE ION'
4 non-polymer 1,2-ETHANEDIOL
5 non-polymer 'SODIUM ION'
6 water water
#
_entity_poly.entity_id   1
_entity_poly.type   'polypeptide(L)'
_entity_poly.pdbx_seq_one_letter_code
;MLLFMFSIISFGNENQFMKEIFERKGLNGTFVVYDLKNDKIDYYNLDRANERFYPASSF(KCX)IFNTLIGLENGIVKNV
DEMFYYYDGSKVFLDSWAKDSNLRYAIKVSQVPAYKKLARELGKERMQEGLNKLNYGNKEIGSEIDKFWLEGPLKISAME
QVKLLNLLSQSKLPFKLENQEQVKDITILEKKDDFILHGKTGWATDNIVVPIGWFVGWIETSDNIYSFAINLDISDSKFL
PKREEIVREYFKNINVIK
;
_entity_poly.pdbx_strand_id   A,B,C,D
#
# COMPACT_ATOMS: atom_id res chain seq x y z
N ASN A 13 12.79 -49.14 20.11
CA ASN A 13 12.02 -49.76 19.03
C ASN A 13 11.04 -48.73 18.44
N GLU A 14 11.12 -48.46 17.14
CA GLU A 14 10.09 -47.64 16.55
C GLU A 14 8.72 -48.32 16.73
N ASN A 15 7.66 -47.56 16.94
CA ASN A 15 6.30 -48.06 16.86
C ASN A 15 6.06 -48.53 15.40
N GLN A 16 5.70 -49.76 15.28
CA GLN A 16 5.59 -50.38 13.98
C GLN A 16 4.41 -49.86 13.19
N PHE A 17 3.30 -49.55 13.86
CA PHE A 17 2.19 -48.94 13.13
C PHE A 17 2.54 -47.54 12.61
N MET A 18 3.21 -46.76 13.41
CA MET A 18 3.64 -45.46 12.87
C MET A 18 4.55 -45.65 11.63
N LYS A 19 5.51 -46.57 11.75
CA LYS A 19 6.39 -46.88 10.61
C LYS A 19 5.61 -47.21 9.35
N GLU A 20 4.59 -48.06 9.47
CA GLU A 20 3.80 -48.46 8.31
C GLU A 20 3.09 -47.27 7.70
N ILE A 21 2.48 -46.39 8.51
CA ILE A 21 1.72 -45.29 7.92
CA ILE A 21 1.73 -45.20 8.03
C ILE A 21 2.68 -44.35 7.17
N PHE A 22 3.83 -44.05 7.76
CA PHE A 22 4.78 -43.18 7.09
C PHE A 22 5.26 -43.78 5.76
N GLU A 23 5.49 -45.06 5.79
CA GLU A 23 6.00 -45.76 4.59
C GLU A 23 4.90 -45.82 3.49
N ARG A 24 3.65 -46.05 3.94
CA ARG A 24 2.53 -46.13 2.99
C ARG A 24 2.31 -44.78 2.26
N LYS A 25 2.35 -43.72 3.06
CA LYS A 25 2.09 -42.37 2.56
C LYS A 25 3.32 -41.79 1.85
N GLY A 26 4.47 -42.44 2.03
CA GLY A 26 5.71 -42.03 1.42
C GLY A 26 6.24 -40.70 1.94
N LEU A 27 6.07 -40.45 3.24
CA LEU A 27 6.42 -39.14 3.86
C LEU A 27 7.63 -39.27 4.73
N ASN A 28 8.41 -38.18 4.77
CA ASN A 28 9.55 -38.04 5.64
C ASN A 28 9.15 -37.19 6.83
N GLY A 29 9.39 -37.72 8.03
CA GLY A 29 9.08 -36.96 9.23
C GLY A 29 9.33 -37.77 10.47
N THR A 30 8.74 -37.28 11.58
CA THR A 30 8.85 -37.93 12.83
C THR A 30 7.50 -37.81 13.57
N PHE A 31 7.28 -38.72 14.54
CA PHE A 31 6.06 -38.67 15.33
C PHE A 31 6.37 -39.25 16.71
N VAL A 32 6.02 -38.50 17.76
CA VAL A 32 6.16 -38.94 19.14
C VAL A 32 4.85 -38.83 19.82
N VAL A 33 4.53 -39.90 20.55
CA VAL A 33 3.39 -39.91 21.44
C VAL A 33 3.88 -40.34 22.84
N TYR A 34 3.53 -39.54 23.87
CA TYR A 34 3.84 -39.86 25.29
C TYR A 34 2.53 -40.30 25.91
N ASP A 35 2.55 -41.52 26.46
CA ASP A 35 1.44 -42.11 27.23
C ASP A 35 1.70 -41.92 28.70
N LEU A 36 0.93 -41.02 29.29
CA LEU A 36 1.18 -40.62 30.70
C LEU A 36 0.99 -41.82 31.64
N LYS A 37 -0.12 -42.53 31.52
CA LYS A 37 -0.48 -43.60 32.47
C LYS A 37 0.63 -44.67 32.56
N ASN A 38 1.20 -44.99 31.40
CA ASN A 38 2.30 -45.93 31.23
C ASN A 38 3.70 -45.38 31.18
N ASP A 39 3.81 -44.07 31.29
CA ASP A 39 5.06 -43.35 31.28
C ASP A 39 5.97 -43.81 30.20
N LYS A 40 5.49 -43.77 28.97
CA LYS A 40 6.32 -44.32 27.90
C LYS A 40 6.04 -43.58 26.62
N ILE A 41 7.00 -43.66 25.72
CA ILE A 41 6.94 -43.03 24.45
C ILE A 41 6.81 -44.01 23.33
N ASP A 42 6.03 -43.66 22.31
CA ASP A 42 5.96 -44.39 21.07
C ASP A 42 6.42 -43.45 19.98
N TYR A 43 7.29 -43.90 19.10
CA TYR A 43 7.84 -42.94 18.14
C TYR A 43 8.13 -43.57 16.76
N TYR A 44 8.33 -42.69 15.77
CA TYR A 44 8.86 -43.00 14.43
C TYR A 44 9.95 -41.96 14.21
N ASN A 45 11.13 -42.43 13.81
CA ASN A 45 12.30 -41.61 13.47
C ASN A 45 12.86 -40.89 14.67
N LEU A 46 13.52 -41.65 15.53
CA LEU A 46 14.11 -41.09 16.76
C LEU A 46 15.06 -39.92 16.64
N ASP A 47 15.92 -39.99 15.66
CA ASP A 47 16.88 -38.92 15.47
C ASP A 47 16.18 -37.65 15.04
N ARG A 48 15.18 -37.79 14.13
CA ARG A 48 14.44 -36.55 13.84
C ARG A 48 13.52 -36.13 14.99
N ALA A 49 13.04 -37.04 15.78
CA ALA A 49 12.23 -36.66 16.98
C ALA A 49 13.00 -35.78 17.89
N ASN A 50 14.33 -35.90 17.89
CA ASN A 50 15.20 -35.02 18.76
C ASN A 50 15.77 -33.84 17.97
N GLU A 51 15.43 -33.66 16.68
CA GLU A 51 15.98 -32.56 15.91
C GLU A 51 15.08 -31.35 16.01
N ARG A 52 15.67 -30.22 16.30
CA ARG A 52 14.96 -29.00 16.49
C ARG A 52 14.68 -28.30 15.14
N PHE A 53 13.44 -27.84 15.01
CA PHE A 53 12.93 -27.11 13.81
C PHE A 53 12.22 -25.88 14.24
N TYR A 54 12.10 -24.89 13.34
CA TYR A 54 11.26 -23.70 13.64
C TYR A 54 9.86 -24.21 14.03
N PRO A 55 9.27 -23.69 15.11
CA PRO A 55 7.95 -24.22 15.48
C PRO A 55 6.83 -23.67 14.68
N ALA A 56 7.05 -22.61 13.94
CA ALA A 56 5.93 -21.98 13.21
C ALA A 56 4.77 -21.76 14.05
N SER A 57 3.57 -21.86 13.50
CA SER A 57 2.45 -21.47 14.35
C SER A 57 2.11 -22.36 15.56
N SER A 58 2.76 -23.50 15.63
CA SER A 58 2.65 -24.27 16.87
C SER A 58 3.11 -23.46 18.04
N PHE A 59 3.92 -22.42 17.88
CA PHE A 59 4.33 -21.57 18.95
C PHE A 59 3.20 -20.78 19.50
N ILE A 61 0.54 -21.62 20.92
CA ILE A 61 0.11 -22.17 22.24
C ILE A 61 0.83 -21.41 23.35
N PHE A 62 2.16 -21.37 23.25
CA PHE A 62 2.96 -20.79 24.25
C PHE A 62 3.08 -19.29 24.25
N ASN A 63 3.04 -18.64 23.07
CA ASN A 63 2.92 -17.23 22.98
C ASN A 63 1.65 -16.78 23.79
N THR A 64 0.55 -17.49 23.62
CA THR A 64 -0.66 -17.13 24.38
C THR A 64 -0.42 -17.23 25.90
N LEU A 65 0.29 -18.31 26.32
CA LEU A 65 0.51 -18.49 27.78
C LEU A 65 1.35 -17.39 28.34
N ILE A 66 2.42 -17.01 27.64
CA ILE A 66 3.24 -15.93 28.10
C ILE A 66 2.52 -14.60 28.08
N GLY A 67 1.69 -14.35 27.09
CA GLY A 67 0.86 -13.13 27.09
C GLY A 67 -0.10 -13.01 28.25
N LEU A 68 -0.78 -14.13 28.53
CA LEU A 68 -1.64 -14.13 29.71
C LEU A 68 -0.87 -13.91 30.97
N GLU A 69 0.30 -14.56 31.10
CA GLU A 69 1.04 -14.47 32.38
C GLU A 69 1.47 -13.02 32.66
N ASN A 70 1.75 -12.27 31.57
CA ASN A 70 2.12 -10.89 31.66
C ASN A 70 0.97 -9.90 31.65
N GLY A 71 -0.24 -10.40 31.64
CA GLY A 71 -1.36 -9.48 31.64
C GLY A 71 -1.54 -8.61 30.38
N ILE A 72 -1.06 -9.12 29.22
CA ILE A 72 -1.20 -8.30 28.01
C ILE A 72 -2.69 -8.18 27.64
N VAL A 73 -3.43 -9.23 27.92
CA VAL A 73 -4.90 -9.24 27.84
C VAL A 73 -5.39 -9.71 29.22
N LYS A 74 -6.63 -9.44 29.55
CA LYS A 74 -7.24 -9.93 30.77
CA LYS A 74 -7.25 -9.93 30.77
C LYS A 74 -7.48 -11.45 30.71
N ASN A 75 -7.89 -11.93 29.52
CA ASN A 75 -8.14 -13.34 29.26
C ASN A 75 -8.24 -13.51 27.74
N VAL A 76 -8.39 -14.77 27.33
CA VAL A 76 -8.42 -15.11 25.89
C VAL A 76 -9.72 -14.66 25.20
N ASP A 77 -10.70 -14.17 25.99
CA ASP A 77 -11.93 -13.66 25.41
C ASP A 77 -11.99 -12.15 25.26
N GLU A 78 -10.96 -11.47 25.72
CA GLU A 78 -10.92 -9.99 25.62
C GLU A 78 -10.49 -9.54 24.24
N MET A 79 -11.22 -8.63 23.69
CA MET A 79 -10.84 -8.14 22.34
CA MET A 79 -10.87 -8.07 22.37
C MET A 79 -9.42 -7.54 22.47
N PHE A 80 -8.61 -7.87 21.47
CA PHE A 80 -7.17 -7.53 21.47
C PHE A 80 -6.62 -7.05 20.13
N TYR A 81 -6.94 -7.73 19.05
CA TYR A 81 -6.44 -7.36 17.72
C TYR A 81 -7.51 -6.58 17.00
N TYR A 82 -7.16 -5.46 16.44
CA TYR A 82 -8.07 -4.56 15.74
C TYR A 82 -7.66 -4.51 14.29
N TYR A 83 -8.50 -5.05 13.45
CA TYR A 83 -8.18 -5.13 12.01
C TYR A 83 -8.31 -3.78 11.39
N ASP A 84 -7.52 -3.47 10.38
CA ASP A 84 -7.43 -2.15 9.72
C ASP A 84 -7.54 -2.17 8.20
N GLY A 85 -7.95 -3.28 7.62
CA GLY A 85 -8.10 -3.40 6.17
C GLY A 85 -6.81 -3.82 5.46
N SER A 86 -5.77 -4.07 6.22
CA SER A 86 -4.45 -4.45 5.64
C SER A 86 -4.49 -5.87 5.02
N LYS A 87 -3.49 -6.17 4.23
CA LYS A 87 -3.41 -7.45 3.56
C LYS A 87 -3.27 -8.58 4.60
N VAL A 88 -4.09 -9.64 4.40
CA VAL A 88 -4.00 -10.84 5.25
C VAL A 88 -4.09 -12.05 4.39
N PHE A 89 -3.33 -13.10 4.69
CA PHE A 89 -3.33 -14.22 3.81
C PHE A 89 -4.64 -14.97 3.77
N LEU A 90 -5.25 -15.16 4.93
CA LEU A 90 -6.56 -15.82 4.98
C LEU A 90 -7.66 -14.83 5.33
N ASP A 91 -8.78 -15.01 4.68
CA ASP A 91 -9.89 -14.08 4.84
C ASP A 91 -10.46 -14.12 6.30
N SER A 92 -10.31 -15.27 6.95
CA SER A 92 -10.70 -15.39 8.31
C SER A 92 -9.91 -14.49 9.23
N TRP A 93 -8.77 -13.98 8.75
CA TRP A 93 -7.99 -13.02 9.57
C TRP A 93 -8.41 -11.57 9.45
N ALA A 94 -9.34 -11.28 8.55
CA ALA A 94 -9.68 -9.87 8.22
C ALA A 94 -10.81 -9.34 9.11
N LYS A 95 -10.59 -9.44 10.45
CA LYS A 95 -11.54 -9.01 11.41
C LYS A 95 -10.89 -8.83 12.82
N ASP A 96 -11.50 -7.94 13.59
CA ASP A 96 -11.13 -7.78 14.98
C ASP A 96 -11.29 -9.11 15.75
N SER A 97 -10.45 -9.35 16.75
CA SER A 97 -10.42 -10.62 17.44
C SER A 97 -9.92 -10.53 18.82
N ASN A 98 -10.28 -11.59 19.55
CA ASN A 98 -9.64 -11.99 20.77
C ASN A 98 -8.65 -13.15 20.54
N LEU A 99 -7.92 -13.57 21.55
CA LEU A 99 -6.90 -14.60 21.32
C LEU A 99 -7.46 -15.96 21.05
N ARG A 100 -8.63 -16.23 21.68
CA ARG A 100 -9.34 -17.46 21.38
C ARG A 100 -9.61 -17.65 19.91
N TYR A 101 -10.16 -16.63 19.26
CA TYR A 101 -10.39 -16.72 17.83
C TYR A 101 -9.10 -16.74 17.10
N ALA A 102 -8.18 -15.90 17.53
CA ALA A 102 -6.90 -15.78 16.81
C ALA A 102 -6.15 -17.12 16.72
N ILE A 103 -6.13 -17.90 17.80
CA ILE A 103 -5.41 -19.19 17.76
C ILE A 103 -6.12 -20.19 16.86
N LYS A 104 -7.47 -20.16 16.86
CA LYS A 104 -8.21 -21.11 16.15
C LYS A 104 -8.04 -20.99 14.63
N VAL A 105 -7.88 -19.74 14.18
CA VAL A 105 -7.68 -19.47 12.78
C VAL A 105 -6.20 -19.26 12.38
N SER A 106 -5.35 -19.28 13.39
CA SER A 106 -3.88 -19.03 13.23
C SER A 106 -3.61 -17.64 12.68
N GLN A 107 -4.25 -16.66 13.30
CA GLN A 107 -4.25 -15.26 12.86
C GLN A 107 -2.89 -14.61 13.16
N VAL A 108 -1.93 -14.81 12.28
CA VAL A 108 -0.58 -14.32 12.53
C VAL A 108 -0.53 -12.88 12.91
N PRO A 109 -1.27 -11.94 12.22
CA PRO A 109 -1.05 -10.56 12.69
C PRO A 109 -1.40 -10.30 14.13
N ALA A 110 -2.34 -11.01 14.71
CA ALA A 110 -2.74 -10.84 16.11
C ALA A 110 -1.60 -11.33 17.01
N TYR A 111 -0.93 -12.43 16.64
CA TYR A 111 0.14 -12.94 17.44
C TYR A 111 1.45 -12.15 17.24
N LYS A 112 1.60 -11.51 16.09
CA LYS A 112 2.76 -10.58 15.93
C LYS A 112 2.51 -9.37 16.89
N LYS A 113 1.30 -8.82 16.93
CA LYS A 113 0.98 -7.77 17.87
CA LYS A 113 0.98 -7.76 17.88
C LYS A 113 1.25 -8.19 19.31
N LEU A 114 0.82 -9.40 19.70
CA LEU A 114 1.13 -9.92 21.01
C LEU A 114 2.64 -9.93 21.32
N ALA A 115 3.40 -10.49 20.37
CA ALA A 115 4.86 -10.57 20.54
C ALA A 115 5.44 -9.18 20.74
N ARG A 116 5.06 -8.27 19.86
CA ARG A 116 5.62 -6.93 19.98
CA ARG A 116 5.63 -6.92 19.95
C ARG A 116 5.32 -6.28 21.31
N GLU A 117 4.06 -6.42 21.79
CA GLU A 117 3.67 -5.80 23.09
CA GLU A 117 3.67 -5.79 23.08
C GLU A 117 4.44 -6.44 24.20
N LEU A 118 4.61 -7.77 24.16
CA LEU A 118 5.46 -8.44 25.15
C LEU A 118 6.88 -7.84 25.20
N GLY A 119 7.44 -7.68 24.02
CA GLY A 119 8.81 -7.20 23.89
C GLY A 119 9.85 -8.26 24.15
N LYS A 120 11.10 -7.99 23.71
CA LYS A 120 12.12 -9.00 23.83
C LYS A 120 12.38 -9.52 25.25
N GLU A 121 12.50 -8.60 26.19
CA GLU A 121 12.84 -9.01 27.53
C GLU A 121 11.80 -9.96 28.12
N ARG A 122 10.55 -9.61 28.00
CA ARG A 122 9.48 -10.46 28.63
C ARG A 122 9.30 -11.72 27.81
N MET A 123 9.46 -11.65 26.50
CA MET A 123 9.35 -12.84 25.71
C MET A 123 10.46 -13.83 26.07
N GLN A 124 11.70 -13.33 26.15
CA GLN A 124 12.84 -14.16 26.55
C GLN A 124 12.62 -14.81 27.89
N GLU A 125 12.09 -14.02 28.87
CA GLU A 125 11.87 -14.57 30.21
C GLU A 125 10.86 -15.69 30.10
N GLY A 126 9.83 -15.57 29.25
CA GLY A 126 8.86 -16.61 29.03
C GLY A 126 9.39 -17.91 28.45
N LEU A 127 10.19 -17.73 27.39
CA LEU A 127 10.85 -18.88 26.76
C LEU A 127 11.79 -19.59 27.78
N ASN A 128 12.44 -18.77 28.61
CA ASN A 128 13.44 -19.30 29.53
C ASN A 128 12.73 -20.05 30.67
N LYS A 129 11.58 -19.52 31.11
CA LYS A 129 10.74 -20.17 32.16
C LYS A 129 10.22 -21.52 31.67
N LEU A 130 9.82 -21.59 30.38
CA LEU A 130 9.43 -22.81 29.73
C LEU A 130 10.53 -23.75 29.32
N ASN A 131 11.79 -23.25 29.34
CA ASN A 131 12.90 -23.90 28.75
C ASN A 131 12.56 -24.39 27.29
N TYR A 132 11.95 -23.48 26.51
CA TYR A 132 11.33 -23.78 25.20
C TYR A 132 12.38 -23.91 24.11
N GLY A 133 12.62 -25.14 23.63
CA GLY A 133 13.55 -25.34 22.56
C GLY A 133 14.89 -24.68 22.81
N ASN A 134 15.48 -24.10 21.78
CA ASN A 134 16.73 -23.38 21.96
C ASN A 134 16.64 -21.99 22.57
N LYS A 135 15.41 -21.52 22.76
CA LYS A 135 15.17 -20.24 23.48
C LYS A 135 15.77 -19.02 22.70
N GLU A 136 15.92 -19.10 21.41
CA GLU A 136 16.56 -18.01 20.67
C GLU A 136 15.47 -17.11 20.05
N ILE A 137 15.60 -15.83 20.30
CA ILE A 137 14.75 -14.81 19.74
C ILE A 137 15.46 -14.04 18.62
N GLY A 138 16.79 -13.96 18.60
CA GLY A 138 17.43 -13.11 17.54
C GLY A 138 17.03 -11.65 17.73
N SER A 139 16.86 -10.96 16.60
CA SER A 139 16.57 -9.54 16.56
C SER A 139 15.30 -9.24 15.79
N GLU A 140 14.33 -10.15 15.77
CA GLU A 140 13.06 -10.02 15.01
C GLU A 140 11.95 -10.49 15.96
N ILE A 141 11.47 -9.55 16.74
CA ILE A 141 10.51 -9.86 17.84
C ILE A 141 9.22 -10.40 17.29
N ASP A 142 8.83 -10.15 16.02
CA ASP A 142 7.61 -10.75 15.53
C ASP A 142 7.79 -11.78 14.43
N LYS A 143 9.00 -12.29 14.32
CA LYS A 143 9.31 -13.32 13.30
C LYS A 143 10.06 -14.50 13.84
N PHE A 144 10.54 -14.46 15.11
CA PHE A 144 11.51 -15.45 15.55
C PHE A 144 11.05 -16.86 15.55
N TRP A 145 9.72 -17.08 15.73
CA TRP A 145 9.17 -18.42 15.71
C TRP A 145 8.80 -18.93 14.31
N LEU A 146 8.91 -18.09 13.27
CA LEU A 146 8.51 -18.46 11.91
C LEU A 146 9.58 -18.58 10.89
N GLU A 147 10.74 -18.02 11.17
CA GLU A 147 11.86 -18.05 10.18
C GLU A 147 13.21 -18.30 10.85
N GLY A 148 13.24 -18.86 12.03
CA GLY A 148 14.45 -18.81 12.86
C GLY A 148 14.52 -17.47 13.64
N PRO A 149 15.37 -17.45 14.69
CA PRO A 149 16.25 -18.51 15.08
C PRO A 149 15.67 -19.51 16.06
N LEU A 150 14.42 -19.32 16.52
CA LEU A 150 13.90 -20.31 17.49
C LEU A 150 13.68 -21.65 16.82
N LYS A 151 14.05 -22.71 17.54
CA LYS A 151 13.83 -24.09 17.07
C LYS A 151 13.50 -24.95 18.30
N ILE A 152 12.67 -25.96 18.08
CA ILE A 152 12.21 -26.95 19.05
C ILE A 152 11.97 -28.28 18.43
N SER A 153 12.26 -29.38 19.15
CA SER A 153 12.05 -30.70 18.62
C SER A 153 10.70 -31.28 18.95
N ALA A 154 10.32 -32.34 18.22
CA ALA A 154 9.04 -33.01 18.51
C ALA A 154 9.08 -33.50 19.96
N MET A 155 10.21 -34.06 20.39
CA MET A 155 10.31 -34.60 21.76
C MET A 155 10.13 -33.46 22.77
N GLU A 156 10.70 -32.30 22.54
CA GLU A 156 10.60 -31.17 23.40
C GLU A 156 9.19 -30.69 23.44
N GLN A 157 8.50 -30.62 22.31
CA GLN A 157 7.09 -30.18 22.28
C GLN A 157 6.27 -31.14 23.16
N VAL A 158 6.43 -32.44 23.02
CA VAL A 158 5.67 -33.43 23.79
C VAL A 158 5.88 -33.23 25.27
N LYS A 159 7.13 -33.00 25.68
CA LYS A 159 7.39 -32.78 27.13
C LYS A 159 6.63 -31.59 27.65
N LEU A 160 6.61 -30.49 26.90
CA LEU A 160 5.91 -29.32 27.30
C LEU A 160 4.39 -29.53 27.36
N LEU A 161 3.88 -30.26 26.40
CA LEU A 161 2.42 -30.46 26.26
C LEU A 161 1.95 -31.41 27.36
N ASN A 162 2.74 -32.41 27.69
CA ASN A 162 2.41 -33.29 28.82
C ASN A 162 2.22 -32.47 30.09
N LEU A 163 3.10 -31.55 30.32
CA LEU A 163 3.00 -30.65 31.49
C LEU A 163 1.78 -29.67 31.40
N LEU A 164 1.65 -29.01 30.27
CA LEU A 164 0.54 -28.09 30.06
C LEU A 164 -0.82 -28.78 30.32
N SER A 165 -0.98 -29.99 29.80
CA SER A 165 -2.27 -30.74 29.83
C SER A 165 -2.68 -31.03 31.31
N GLN A 166 -1.68 -31.06 32.20
CA GLN A 166 -1.90 -31.26 33.64
C GLN A 166 -1.71 -29.98 34.49
N SER A 167 -1.64 -28.83 33.81
CA SER A 167 -1.44 -27.53 34.51
C SER A 167 -0.21 -27.62 35.40
N LYS A 168 0.85 -28.24 34.92
CA LYS A 168 2.09 -28.41 35.71
C LYS A 168 3.24 -27.52 35.29
N LEU A 169 2.98 -26.60 34.40
CA LEU A 169 4.00 -25.62 34.04
C LEU A 169 4.04 -24.51 35.11
N PRO A 170 5.15 -23.77 35.15
CA PRO A 170 5.26 -22.72 36.20
C PRO A 170 4.59 -21.40 35.89
N PHE A 171 3.30 -21.46 35.66
CA PHE A 171 2.41 -20.36 35.15
C PHE A 171 1.13 -20.49 35.97
N LYS A 172 0.38 -19.42 36.04
CA LYS A 172 -0.86 -19.44 36.79
CA LYS A 172 -0.85 -19.44 36.81
C LYS A 172 -1.78 -20.54 36.30
N LEU A 173 -2.46 -21.24 37.19
CA LEU A 173 -3.40 -22.24 36.81
C LEU A 173 -4.49 -21.75 35.84
N GLU A 174 -4.99 -20.57 36.03
CA GLU A 174 -6.11 -20.12 35.22
C GLU A 174 -5.58 -19.75 33.84
N ASN A 175 -4.30 -19.44 33.69
CA ASN A 175 -3.77 -19.15 32.39
C ASN A 175 -3.52 -20.44 31.61
N GLN A 176 -3.01 -21.49 32.30
CA GLN A 176 -2.90 -22.78 31.66
C GLN A 176 -4.26 -23.29 31.24
N GLU A 177 -5.24 -23.10 32.08
CA GLU A 177 -6.64 -23.57 31.77
C GLU A 177 -7.18 -22.92 30.46
N GLN A 178 -6.95 -21.62 30.34
CA GLN A 178 -7.35 -20.87 29.19
C GLN A 178 -6.72 -21.40 27.94
N VAL A 179 -5.42 -21.73 28.04
CA VAL A 179 -4.77 -22.24 26.85
C VAL A 179 -5.29 -23.63 26.47
N LYS A 180 -5.59 -24.46 27.47
CA LYS A 180 -6.27 -25.71 27.20
C LYS A 180 -7.63 -25.46 26.55
N ASP A 181 -8.41 -24.53 27.05
CA ASP A 181 -9.74 -24.36 26.52
C ASP A 181 -9.72 -23.89 25.04
N ILE A 182 -8.85 -22.97 24.69
CA ILE A 182 -8.80 -22.44 23.31
C ILE A 182 -8.27 -23.40 22.28
N THR A 183 -7.56 -24.41 22.73
CA THR A 183 -7.00 -25.44 21.88
C THR A 183 -7.87 -26.67 21.68
N ILE A 184 -9.10 -26.70 22.16
CA ILE A 184 -9.97 -27.82 21.97
C ILE A 184 -10.29 -27.94 20.47
N LEU A 185 -10.07 -29.12 19.94
CA LEU A 185 -10.41 -29.44 18.56
C LEU A 185 -11.59 -30.34 18.40
N GLU A 186 -11.65 -31.43 19.19
CA GLU A 186 -12.81 -32.33 19.12
C GLU A 186 -13.01 -32.92 20.48
N LYS A 187 -14.22 -32.62 21.02
CA LYS A 187 -14.66 -33.14 22.34
CA LYS A 187 -14.65 -33.15 22.32
C LYS A 187 -15.73 -34.16 22.07
N LYS A 188 -15.46 -35.41 22.50
CA LYS A 188 -16.41 -36.53 22.46
C LYS A 188 -16.53 -37.14 23.86
N ASP A 189 -17.46 -38.10 24.04
CA ASP A 189 -17.65 -38.65 25.35
C ASP A 189 -16.35 -39.30 25.85
N ASP A 190 -15.65 -39.98 24.99
CA ASP A 190 -14.55 -40.82 25.40
C ASP A 190 -13.16 -40.23 25.23
N PHE A 191 -13.09 -39.03 24.65
CA PHE A 191 -11.79 -38.37 24.53
C PHE A 191 -12.03 -36.90 24.21
N ILE A 192 -11.03 -36.07 24.49
CA ILE A 192 -10.99 -34.67 24.00
C ILE A 192 -9.57 -34.43 23.44
N LEU A 193 -9.57 -33.99 22.18
CA LEU A 193 -8.37 -33.68 21.41
C LEU A 193 -8.18 -32.17 21.44
N HIS A 194 -6.99 -31.77 21.90
CA HIS A 194 -6.46 -30.41 21.83
C HIS A 194 -5.23 -30.40 20.91
N GLY A 195 -5.07 -29.29 20.19
CA GLY A 195 -3.83 -29.17 19.38
C GLY A 195 -3.75 -27.92 18.56
N LYS A 196 -2.60 -27.80 17.86
CA LYS A 196 -2.30 -26.66 17.01
C LYS A 196 -1.46 -27.14 15.83
N THR A 197 -1.84 -26.64 14.65
CA THR A 197 -1.10 -26.92 13.40
C THR A 197 -0.13 -25.77 13.13
N GLY A 198 0.92 -26.08 12.38
CA GLY A 198 1.89 -25.04 11.92
C GLY A 198 2.59 -25.48 10.66
N TRP A 199 3.10 -24.53 9.94
CA TRP A 199 3.82 -24.84 8.70
C TRP A 199 4.99 -23.79 8.59
N ALA A 200 6.20 -24.32 8.69
CA ALA A 200 7.40 -23.49 8.59
C ALA A 200 7.83 -23.41 7.12
N THR A 201 7.67 -22.23 6.55
CA THR A 201 7.94 -22.09 5.10
C THR A 201 9.02 -21.06 4.80
N ASP A 202 9.37 -20.23 5.73
CA ASP A 202 10.32 -19.14 5.52
C ASP A 202 11.70 -19.49 5.96
N ASN A 203 12.69 -19.09 5.19
CA ASN A 203 14.07 -19.33 5.54
C ASN A 203 14.43 -20.80 5.67
N ILE A 204 13.88 -21.62 4.74
CA ILE A 204 14.09 -23.03 4.79
C ILE A 204 13.90 -23.62 3.36
N VAL A 205 14.71 -24.59 2.97
CA VAL A 205 14.57 -25.14 1.65
C VAL A 205 13.39 -26.12 1.60
N VAL A 206 13.30 -26.98 2.60
CA VAL A 206 12.24 -27.98 2.69
C VAL A 206 11.30 -27.59 3.86
N PRO A 207 10.09 -27.06 3.56
CA PRO A 207 9.17 -26.64 4.66
C PRO A 207 8.72 -27.84 5.47
N ILE A 208 8.44 -27.49 6.73
CA ILE A 208 8.13 -28.44 7.79
C ILE A 208 6.70 -28.18 8.27
N GLY A 209 5.86 -29.21 8.14
CA GLY A 209 4.51 -29.14 8.72
C GLY A 209 4.43 -29.77 10.10
N TRP A 210 3.84 -29.09 11.02
CA TRP A 210 3.67 -29.54 12.46
C TRP A 210 2.19 -29.75 12.78
N PHE A 211 1.95 -30.73 13.66
CA PHE A 211 0.68 -30.81 14.39
C PHE A 211 1.05 -31.36 15.74
N VAL A 212 0.74 -30.57 16.78
CA VAL A 212 1.09 -30.92 18.19
C VAL A 212 -0.14 -30.75 19.06
N GLY A 213 -0.15 -31.54 20.14
CA GLY A 213 -1.33 -31.43 21.04
C GLY A 213 -1.34 -32.56 22.06
N TRP A 214 -2.53 -32.86 22.51
CA TRP A 214 -2.77 -33.98 23.36
C TRP A 214 -4.22 -34.41 23.30
N ILE A 215 -4.46 -35.64 23.82
CA ILE A 215 -5.79 -36.26 23.91
C ILE A 215 -5.91 -36.73 25.35
N GLU A 216 -6.97 -36.22 26.02
CA GLU A 216 -7.31 -36.68 27.39
C GLU A 216 -8.49 -37.65 27.28
N THR A 217 -8.37 -38.77 27.94
CA THR A 217 -9.43 -39.76 28.07
C THR A 217 -9.82 -39.88 29.54
N SER A 218 -10.72 -40.81 29.87
CA SER A 218 -11.20 -40.89 31.23
C SER A 218 -10.09 -41.19 32.20
N ASP A 219 -9.00 -41.82 31.76
CA ASP A 219 -7.93 -42.18 32.67
C ASP A 219 -6.52 -42.07 32.12
N ASN A 220 -6.33 -41.35 31.02
CA ASN A 220 -5.02 -41.14 30.48
C ASN A 220 -4.94 -39.82 29.69
N ILE A 221 -3.70 -39.43 29.41
CA ILE A 221 -3.39 -38.26 28.55
C ILE A 221 -2.27 -38.68 27.63
N TYR A 222 -2.52 -38.52 26.30
CA TYR A 222 -1.55 -38.83 25.25
C TYR A 222 -1.10 -37.55 24.65
N SER A 223 0.16 -37.17 24.90
CA SER A 223 0.67 -35.91 24.34
C SER A 223 1.42 -36.28 23.06
N PHE A 224 1.32 -35.45 22.05
CA PHE A 224 1.87 -35.84 20.74
C PHE A 224 2.40 -34.64 19.99
N ALA A 225 3.37 -35.00 19.12
CA ALA A 225 3.94 -34.12 18.04
C ALA A 225 4.35 -34.88 16.81
N ILE A 226 3.87 -34.37 15.69
CA ILE A 226 4.32 -34.86 14.37
C ILE A 226 4.87 -33.67 13.65
N ASN A 227 5.96 -33.93 12.93
CA ASN A 227 6.37 -32.99 11.83
C ASN A 227 6.79 -33.77 10.62
N LEU A 228 6.56 -33.15 9.49
CA LEU A 228 6.73 -33.81 8.16
C LEU A 228 7.29 -32.81 7.21
N ASP A 229 7.98 -33.31 6.22
CA ASP A 229 8.40 -32.47 5.05
C ASP A 229 7.19 -32.28 4.20
N ILE A 230 6.73 -31.05 4.07
CA ILE A 230 5.54 -30.74 3.27
C ILE A 230 5.83 -29.51 2.47
N SER A 231 6.00 -29.72 1.17
CA SER A 231 6.27 -28.63 0.24
C SER A 231 5.02 -28.03 -0.41
N ASP A 232 3.88 -28.70 -0.40
CA ASP A 232 2.72 -28.22 -1.13
C ASP A 232 1.62 -28.16 -0.08
N SER A 233 0.87 -27.09 -0.07
CA SER A 233 -0.28 -26.95 0.85
C SER A 233 -1.35 -28.05 0.68
N LYS A 234 -1.41 -28.65 -0.48
CA LYS A 234 -2.28 -29.77 -0.71
C LYS A 234 -2.05 -30.94 0.30
N PHE A 235 -0.84 -31.09 0.82
CA PHE A 235 -0.49 -32.22 1.74
C PHE A 235 -0.53 -31.81 3.18
N LEU A 236 -0.90 -30.57 3.46
CA LEU A 236 -1.02 -30.21 4.88
C LEU A 236 -2.05 -31.06 5.68
N PRO A 237 -3.16 -31.55 5.05
CA PRO A 237 -4.09 -32.36 5.83
C PRO A 237 -3.47 -33.62 6.39
N LYS A 238 -2.35 -34.06 5.80
CA LYS A 238 -1.71 -35.32 6.24
CA LYS A 238 -1.71 -35.31 6.24
C LYS A 238 -1.21 -35.24 7.68
N ARG A 239 -0.85 -34.07 8.17
CA ARG A 239 -0.36 -33.93 9.59
C ARG A 239 -1.38 -34.53 10.53
N GLU A 240 -2.64 -34.00 10.48
CA GLU A 240 -3.70 -34.47 11.38
C GLU A 240 -4.19 -35.86 10.93
N GLU A 241 -4.19 -36.22 9.63
CA GLU A 241 -4.61 -37.54 9.19
C GLU A 241 -3.77 -38.60 9.87
N ILE A 242 -2.44 -38.45 9.89
CA ILE A 242 -1.60 -39.50 10.43
C ILE A 242 -1.81 -39.63 11.95
N VAL A 243 -1.87 -38.46 12.60
CA VAL A 243 -2.18 -38.51 14.04
C VAL A 243 -3.50 -39.20 14.36
N ARG A 244 -4.55 -38.86 13.62
CA ARG A 244 -5.85 -39.55 13.89
C ARG A 244 -5.77 -41.00 13.54
N GLU A 245 -5.01 -41.42 12.51
CA GLU A 245 -4.98 -42.83 12.14
CA GLU A 245 -4.96 -42.84 12.14
C GLU A 245 -4.32 -43.60 13.28
N TYR A 246 -3.23 -43.09 13.86
CA TYR A 246 -2.60 -43.78 14.97
C TYR A 246 -3.57 -43.86 16.16
N PHE A 247 -4.22 -42.76 16.53
CA PHE A 247 -5.13 -42.81 17.71
C PHE A 247 -6.39 -43.64 17.47
N LYS A 248 -6.77 -43.87 16.20
CA LYS A 248 -7.87 -44.79 15.90
C LYS A 248 -7.34 -46.23 16.07
N ASN A 249 -6.10 -46.51 15.65
CA ASN A 249 -5.47 -47.85 15.80
C ASN A 249 -5.41 -48.34 17.24
N ILE A 250 -5.19 -47.41 18.15
CA ILE A 250 -5.09 -47.70 19.54
C ILE A 250 -6.39 -47.41 20.31
N ASN A 251 -7.48 -47.21 19.54
CA ASN A 251 -8.83 -47.09 20.11
C ASN A 251 -9.06 -45.95 21.10
N VAL A 252 -8.24 -44.89 20.98
CA VAL A 252 -8.41 -43.67 21.71
C VAL A 252 -9.51 -42.80 21.07
N ILE A 253 -9.42 -42.66 19.72
CA ILE A 253 -10.48 -42.05 18.94
C ILE A 253 -11.38 -43.18 18.53
N LYS A 254 -12.67 -43.02 18.90
CA LYS A 254 -13.64 -44.07 19.27
C LYS A 254 -14.94 -43.39 19.65
N SER B 10 -35.69 8.46 -8.81
CA SER B 10 -35.01 7.63 -7.76
C SER B 10 -34.66 6.25 -8.37
N PHE B 11 -34.13 6.34 -9.57
CA PHE B 11 -33.60 5.25 -10.29
C PHE B 11 -32.14 5.00 -9.83
N GLY B 12 -31.66 5.84 -8.91
CA GLY B 12 -30.32 5.71 -8.31
C GLY B 12 -29.30 6.52 -9.06
N ASN B 13 -28.11 6.62 -8.44
CA ASN B 13 -27.01 7.46 -8.95
C ASN B 13 -25.84 6.62 -9.43
N GLU B 14 -25.46 6.81 -10.72
CA GLU B 14 -24.29 6.11 -11.28
C GLU B 14 -23.05 6.81 -10.72
N ASN B 15 -22.29 6.12 -9.86
CA ASN B 15 -21.23 6.77 -9.12
C ASN B 15 -19.87 6.81 -9.84
N GLN B 16 -19.31 8.03 -10.03
CA GLN B 16 -18.10 8.12 -10.83
C GLN B 16 -16.87 7.60 -10.15
N PHE B 17 -16.80 7.73 -8.81
CA PHE B 17 -15.68 7.13 -8.13
C PHE B 17 -15.63 5.60 -8.25
N MET B 18 -16.77 4.93 -8.11
CA MET B 18 -16.80 3.47 -8.27
C MET B 18 -16.29 3.14 -9.65
N LYS B 19 -16.76 3.92 -10.61
CA LYS B 19 -16.36 3.64 -12.00
C LYS B 19 -14.85 3.77 -12.19
N GLU B 20 -14.25 4.80 -11.61
CA GLU B 20 -12.81 4.92 -11.66
CA GLU B 20 -12.79 4.95 -11.58
C GLU B 20 -12.05 3.72 -11.03
N ILE B 21 -12.56 3.19 -9.88
CA ILE B 21 -11.83 2.14 -9.19
C ILE B 21 -11.93 0.89 -10.02
N PHE B 22 -13.13 0.60 -10.54
CA PHE B 22 -13.29 -0.57 -11.40
C PHE B 22 -12.39 -0.59 -12.66
N GLU B 23 -12.33 0.57 -13.28
CA GLU B 23 -11.53 0.73 -14.51
C GLU B 23 -10.04 0.62 -14.19
N ARG B 24 -9.61 1.23 -13.09
CA ARG B 24 -8.23 1.10 -12.66
C ARG B 24 -7.84 -0.34 -12.39
N LYS B 25 -8.73 -1.05 -11.68
CA LYS B 25 -8.40 -2.41 -11.21
C LYS B 25 -8.65 -3.47 -12.26
N GLY B 26 -9.31 -3.08 -13.35
CA GLY B 26 -9.50 -3.99 -14.49
C GLY B 26 -10.38 -5.21 -14.14
N LEU B 27 -11.37 -4.97 -13.29
CA LEU B 27 -12.30 -6.02 -12.83
C LEU B 27 -13.70 -5.82 -13.34
N ASN B 28 -14.41 -6.93 -13.57
CA ASN B 28 -15.80 -6.95 -14.02
C ASN B 28 -16.66 -7.24 -12.80
N GLY B 29 -17.66 -6.39 -12.53
CA GLY B 29 -18.56 -6.65 -11.42
C GLY B 29 -19.57 -5.56 -11.30
N THR B 30 -20.18 -5.51 -10.12
CA THR B 30 -21.18 -4.52 -9.70
C THR B 30 -20.97 -4.12 -8.24
N PHE B 31 -21.41 -2.94 -7.89
CA PHE B 31 -21.28 -2.44 -6.50
C PHE B 31 -22.43 -1.49 -6.25
N VAL B 32 -23.15 -1.74 -5.18
CA VAL B 32 -24.30 -0.96 -4.78
C VAL B 32 -24.10 -0.56 -3.30
N VAL B 33 -24.32 0.73 -3.05
CA VAL B 33 -24.33 1.28 -1.66
C VAL B 33 -25.64 2.04 -1.41
N TYR B 34 -26.35 1.77 -0.32
CA TYR B 34 -27.48 2.53 0.06
C TYR B 34 -27.06 3.35 1.27
N ASP B 35 -27.22 4.67 1.18
CA ASP B 35 -27.01 5.60 2.27
C ASP B 35 -28.37 5.89 2.88
N LEU B 36 -28.64 5.45 4.12
CA LEU B 36 -29.94 5.52 4.69
C LEU B 36 -30.44 6.96 4.88
N LYS B 37 -29.65 7.82 5.51
CA LYS B 37 -30.12 9.13 5.91
C LYS B 37 -30.23 10.13 4.71
N ASN B 38 -29.35 9.97 3.72
CA ASN B 38 -29.52 10.63 2.44
C ASN B 38 -30.58 9.92 1.52
N ASP B 39 -31.03 8.74 1.90
CA ASP B 39 -31.98 7.95 1.14
C ASP B 39 -31.51 7.91 -0.34
N LYS B 40 -30.31 7.39 -0.55
CA LYS B 40 -29.59 7.48 -1.81
CA LYS B 40 -29.59 7.47 -1.84
C LYS B 40 -28.92 6.14 -2.14
N ILE B 41 -29.08 5.65 -3.37
CA ILE B 41 -28.36 4.50 -3.94
C ILE B 41 -27.29 5.06 -4.81
N ASP B 42 -26.08 4.58 -4.59
CA ASP B 42 -24.93 4.75 -5.53
C ASP B 42 -24.59 3.38 -6.12
N TYR B 43 -24.29 3.33 -7.41
CA TYR B 43 -24.03 2.03 -8.04
C TYR B 43 -22.94 2.13 -9.13
N TYR B 44 -22.42 0.98 -9.46
CA TYR B 44 -21.62 0.67 -10.61
C TYR B 44 -22.25 -0.51 -11.27
N ASN B 45 -22.53 -0.41 -12.55
CA ASN B 45 -23.05 -1.47 -13.39
C ASN B 45 -24.46 -1.87 -12.98
N LEU B 46 -25.44 -1.05 -13.34
CA LEU B 46 -26.81 -1.29 -12.95
C LEU B 46 -27.43 -2.58 -13.48
N ASP B 47 -27.12 -2.98 -14.70
CA ASP B 47 -27.66 -4.21 -15.21
C ASP B 47 -27.20 -5.38 -14.34
N ARG B 48 -25.93 -5.40 -13.98
CA ARG B 48 -25.43 -6.50 -13.17
C ARG B 48 -25.86 -6.33 -11.73
N ALA B 49 -26.09 -5.10 -11.21
CA ALA B 49 -26.65 -5.00 -9.88
C ALA B 49 -27.96 -5.69 -9.78
N ASN B 50 -28.67 -5.78 -10.85
CA ASN B 50 -30.02 -6.44 -10.88
C ASN B 50 -29.93 -7.92 -11.24
N GLU B 51 -28.79 -8.42 -11.57
CA GLU B 51 -28.59 -9.82 -12.00
C GLU B 51 -28.39 -10.75 -10.83
N ARG B 52 -29.18 -11.75 -10.72
CA ARG B 52 -29.10 -12.73 -9.65
C ARG B 52 -28.02 -13.77 -9.83
N PHE B 53 -27.30 -14.02 -8.77
CA PHE B 53 -26.22 -15.03 -8.73
C PHE B 53 -26.35 -15.93 -7.52
N TYR B 54 -25.75 -17.09 -7.56
CA TYR B 54 -25.72 -17.92 -6.35
C TYR B 54 -25.14 -17.08 -5.19
N PRO B 55 -25.73 -17.06 -4.02
CA PRO B 55 -25.11 -16.26 -2.94
C PRO B 55 -23.84 -16.84 -2.32
N ALA B 56 -23.67 -18.12 -2.45
CA ALA B 56 -22.55 -18.87 -1.82
C ALA B 56 -22.56 -18.49 -0.32
N SER B 57 -21.41 -18.29 0.28
CA SER B 57 -21.36 -18.17 1.78
C SER B 57 -21.97 -16.88 2.21
N SER B 58 -22.26 -15.89 1.35
CA SER B 58 -23.01 -14.69 1.82
C SER B 58 -24.36 -15.10 2.42
N PHE B 59 -24.90 -16.26 2.05
CA PHE B 59 -26.17 -16.78 2.62
C PHE B 59 -26.05 -17.09 4.09
N ILE B 61 -25.39 -15.33 6.59
CA ILE B 61 -26.01 -14.28 7.39
C ILE B 61 -27.44 -14.74 7.65
N PHE B 62 -28.16 -15.12 6.59
CA PHE B 62 -29.59 -15.42 6.68
C PHE B 62 -29.88 -16.85 7.10
N ASN B 63 -29.02 -17.80 6.78
CA ASN B 63 -29.16 -19.16 7.30
C ASN B 63 -29.10 -19.07 8.82
N THR B 64 -28.16 -18.30 9.34
CA THR B 64 -28.07 -18.09 10.82
C THR B 64 -29.41 -17.58 11.36
N LEU B 65 -29.93 -16.54 10.75
CA LEU B 65 -31.14 -15.90 11.24
C LEU B 65 -32.24 -16.92 11.28
N ILE B 66 -32.47 -17.68 10.23
CA ILE B 66 -33.54 -18.63 10.14
C ILE B 66 -33.29 -19.72 11.22
N GLY B 67 -32.06 -20.19 11.40
CA GLY B 67 -31.72 -21.19 12.41
C GLY B 67 -32.07 -20.67 13.83
N LEU B 68 -31.72 -19.44 14.13
CA LEU B 68 -32.07 -18.82 15.45
C LEU B 68 -33.62 -18.72 15.62
N GLU B 69 -34.27 -18.29 14.57
CA GLU B 69 -35.75 -18.04 14.62
C GLU B 69 -36.46 -19.34 14.97
N ASN B 70 -35.95 -20.49 14.42
CA ASN B 70 -36.50 -21.81 14.66
C ASN B 70 -35.94 -22.51 15.87
N GLY B 71 -35.09 -21.85 16.64
CA GLY B 71 -34.64 -22.52 17.85
C GLY B 71 -33.69 -23.70 17.60
N ILE B 72 -33.00 -23.79 16.48
CA ILE B 72 -32.13 -24.91 16.22
C ILE B 72 -30.97 -24.85 17.25
N VAL B 73 -30.51 -23.65 17.59
CA VAL B 73 -29.64 -23.36 18.70
C VAL B 73 -30.31 -22.28 19.47
N LYS B 74 -29.97 -22.20 20.76
CA LYS B 74 -30.50 -21.17 21.64
C LYS B 74 -29.87 -19.85 21.29
N ASN B 75 -28.64 -19.78 20.83
CA ASN B 75 -27.98 -18.51 20.50
C ASN B 75 -26.75 -18.91 19.68
N VAL B 76 -26.04 -17.86 19.24
CA VAL B 76 -24.90 -18.09 18.34
C VAL B 76 -23.64 -18.58 19.02
N ASP B 77 -23.64 -18.56 20.39
CA ASP B 77 -22.50 -19.06 21.17
C ASP B 77 -22.57 -20.47 21.61
N GLU B 78 -23.74 -21.07 21.32
CA GLU B 78 -24.01 -22.49 21.76
C GLU B 78 -23.23 -23.46 20.91
N MET B 79 -22.51 -24.40 21.49
CA MET B 79 -21.80 -25.38 20.70
CA MET B 79 -21.78 -25.37 20.67
C MET B 79 -22.79 -26.16 19.83
N PHE B 80 -22.45 -26.33 18.58
CA PHE B 80 -23.40 -26.86 17.58
C PHE B 80 -22.81 -27.84 16.60
N TYR B 81 -21.64 -27.54 16.03
CA TYR B 81 -21.01 -28.41 15.08
C TYR B 81 -19.86 -29.20 15.74
N TYR B 82 -19.86 -30.50 15.51
CA TYR B 82 -18.88 -31.40 16.12
C TYR B 82 -18.04 -32.03 15.05
N TYR B 83 -16.77 -31.69 15.10
CA TYR B 83 -15.83 -32.12 14.04
C TYR B 83 -15.48 -33.56 14.29
N ASP B 84 -15.08 -34.26 13.23
CA ASP B 84 -14.83 -35.72 13.29
C ASP B 84 -13.68 -36.16 12.41
N GLY B 85 -12.83 -35.22 12.08
CA GLY B 85 -11.64 -35.58 11.30
C GLY B 85 -11.80 -35.58 9.78
N SER B 86 -12.97 -35.19 9.32
CA SER B 86 -13.31 -35.17 7.90
CA SER B 86 -13.27 -35.21 7.90
C SER B 86 -12.50 -34.15 7.13
N LYS B 87 -12.42 -34.35 5.81
CA LYS B 87 -11.71 -33.41 4.94
CA LYS B 87 -11.70 -33.40 4.96
C LYS B 87 -12.30 -32.03 5.04
N VAL B 88 -11.43 -31.04 5.09
CA VAL B 88 -11.84 -29.66 5.13
C VAL B 88 -11.03 -28.81 4.17
N PHE B 89 -11.71 -27.87 3.54
CA PHE B 89 -11.05 -26.93 2.63
C PHE B 89 -10.08 -25.98 3.32
N LEU B 90 -10.41 -25.57 4.52
CA LEU B 90 -9.62 -24.65 5.36
C LEU B 90 -9.37 -25.29 6.70
N ASP B 91 -8.11 -25.27 7.15
CA ASP B 91 -7.74 -25.88 8.43
C ASP B 91 -8.50 -25.29 9.56
N SER B 92 -8.93 -24.06 9.48
CA SER B 92 -9.71 -23.46 10.53
C SER B 92 -11.05 -24.16 10.75
N TRP B 93 -11.48 -24.93 9.79
CA TRP B 93 -12.77 -25.66 9.89
C TRP B 93 -12.63 -26.99 10.68
N ALA B 94 -11.43 -27.42 11.00
CA ALA B 94 -11.18 -28.71 11.62
C ALA B 94 -11.26 -28.69 13.14
N LYS B 95 -12.44 -28.32 13.57
CA LYS B 95 -12.66 -28.19 15.01
C LYS B 95 -14.16 -27.99 15.28
N ASP B 96 -14.60 -28.43 16.48
CA ASP B 96 -15.93 -28.16 16.97
C ASP B 96 -16.17 -26.66 16.97
N SER B 97 -17.43 -26.25 16.88
CA SER B 97 -17.75 -24.83 16.79
C SER B 97 -19.21 -24.47 17.18
N ASN B 98 -19.32 -23.20 17.52
CA ASN B 98 -20.64 -22.54 17.58
C ASN B 98 -20.85 -21.74 16.30
N LEU B 99 -22.06 -21.19 16.11
CA LEU B 99 -22.29 -20.47 14.87
C LEU B 99 -21.55 -19.20 14.77
N ARG B 100 -21.23 -18.50 15.82
CA ARG B 100 -20.31 -17.31 15.74
C ARG B 100 -18.98 -17.66 15.12
N TYR B 101 -18.35 -18.72 15.58
CA TYR B 101 -17.10 -19.13 14.93
C TYR B 101 -17.30 -19.58 13.48
N ALA B 102 -18.35 -20.35 13.23
CA ALA B 102 -18.57 -20.92 11.92
C ALA B 102 -18.77 -19.81 10.87
N ILE B 103 -19.48 -18.73 11.18
CA ILE B 103 -19.63 -17.70 10.20
C ILE B 103 -18.34 -16.96 9.98
N LYS B 104 -17.55 -16.71 11.01
CA LYS B 104 -16.29 -15.97 10.84
C LYS B 104 -15.33 -16.67 9.96
N VAL B 105 -15.28 -18.00 10.01
CA VAL B 105 -14.34 -18.76 9.20
C VAL B 105 -14.97 -19.29 7.95
N SER B 106 -16.30 -19.11 7.83
CA SER B 106 -17.05 -19.68 6.68
C SER B 106 -17.05 -21.19 6.66
N GLN B 107 -17.30 -21.78 7.84
CA GLN B 107 -17.23 -23.24 8.07
C GLN B 107 -18.50 -23.91 7.48
N VAL B 108 -18.44 -24.23 6.19
CA VAL B 108 -19.54 -24.78 5.43
C VAL B 108 -20.13 -26.01 6.10
N PRO B 109 -19.33 -26.92 6.62
CA PRO B 109 -19.99 -28.11 7.23
C PRO B 109 -20.92 -27.78 8.37
N ALA B 110 -20.68 -26.72 9.16
CA ALA B 110 -21.59 -26.34 10.23
C ALA B 110 -22.87 -25.86 9.68
N TYR B 111 -22.84 -25.14 8.53
CA TYR B 111 -24.03 -24.61 7.94
C TYR B 111 -24.79 -25.64 7.11
N LYS B 112 -24.14 -26.69 6.64
CA LYS B 112 -24.85 -27.80 6.02
CA LYS B 112 -24.85 -27.80 6.02
C LYS B 112 -25.61 -28.58 7.11
N LYS B 113 -24.99 -28.73 8.25
CA LYS B 113 -25.67 -29.35 9.43
C LYS B 113 -26.91 -28.52 9.80
N LEU B 114 -26.72 -27.22 9.84
CA LEU B 114 -27.85 -26.33 10.16
C LEU B 114 -29.02 -26.47 9.17
N ALA B 115 -28.73 -26.43 7.90
CA ALA B 115 -29.75 -26.55 6.91
C ALA B 115 -30.46 -27.88 6.95
N ARG B 116 -29.74 -28.98 7.19
CA ARG B 116 -30.37 -30.30 7.22
CA ARG B 116 -30.34 -30.31 7.22
CA ARG B 116 -30.34 -30.33 7.21
C ARG B 116 -31.32 -30.37 8.40
N GLU B 117 -30.91 -29.79 9.52
CA GLU B 117 -31.72 -29.83 10.71
C GLU B 117 -32.95 -28.95 10.57
N LEU B 118 -32.82 -27.78 9.93
CA LEU B 118 -34.00 -26.97 9.63
C LEU B 118 -34.99 -27.71 8.76
N GLY B 119 -34.48 -28.36 7.71
CA GLY B 119 -35.29 -29.06 6.76
C GLY B 119 -35.85 -28.13 5.70
N LYS B 120 -36.31 -28.71 4.61
CA LYS B 120 -36.85 -27.89 3.53
C LYS B 120 -38.09 -27.03 3.86
N GLU B 121 -39.04 -27.59 4.59
CA GLU B 121 -40.21 -26.82 4.88
C GLU B 121 -39.89 -25.54 5.65
N ARG B 122 -39.11 -25.66 6.73
CA ARG B 122 -38.77 -24.50 7.53
C ARG B 122 -37.82 -23.59 6.78
N MET B 123 -36.89 -24.18 6.06
CA MET B 123 -35.96 -23.29 5.25
C MET B 123 -36.72 -22.48 4.22
N GLN B 124 -37.65 -23.14 3.51
CA GLN B 124 -38.47 -22.43 2.51
C GLN B 124 -39.30 -21.34 3.18
N GLU B 125 -39.86 -21.59 4.38
CA GLU B 125 -40.62 -20.57 5.14
CA GLU B 125 -40.64 -20.56 5.04
C GLU B 125 -39.72 -19.37 5.41
N GLY B 126 -38.49 -19.60 5.80
CA GLY B 126 -37.59 -18.51 6.08
C GLY B 126 -37.20 -17.69 4.84
N LEU B 127 -36.94 -18.39 3.74
CA LEU B 127 -36.64 -17.70 2.50
C LEU B 127 -37.80 -16.84 2.09
N ASN B 128 -39.00 -17.41 2.24
CA ASN B 128 -40.21 -16.74 1.80
C ASN B 128 -40.52 -15.54 2.65
N LYS B 129 -40.30 -15.66 3.93
CA LYS B 129 -40.41 -14.51 4.85
C LYS B 129 -39.47 -13.33 4.52
N LEU B 130 -38.23 -13.68 4.19
CA LEU B 130 -37.24 -12.75 3.74
C LEU B 130 -37.43 -12.27 2.30
N ASN B 131 -38.26 -12.98 1.57
CA ASN B 131 -38.37 -12.75 0.13
C ASN B 131 -36.98 -12.78 -0.48
N TYR B 132 -36.21 -13.81 -0.12
CA TYR B 132 -34.75 -13.84 -0.42
C TYR B 132 -34.49 -14.26 -1.84
N GLY B 133 -34.06 -13.34 -2.73
CA GLY B 133 -33.74 -13.68 -4.09
C GLY B 133 -34.91 -14.42 -4.74
N ASN B 134 -34.52 -15.47 -5.48
CA ASN B 134 -35.53 -16.30 -6.12
C ASN B 134 -36.18 -17.38 -5.24
N LYS B 135 -35.76 -17.47 -3.98
CA LYS B 135 -36.34 -18.38 -2.99
C LYS B 135 -36.29 -19.88 -3.43
N GLU B 136 -35.35 -20.29 -4.29
CA GLU B 136 -35.33 -21.61 -4.79
C GLU B 136 -34.43 -22.49 -4.00
N ILE B 137 -34.94 -23.60 -3.60
CA ILE B 137 -34.17 -24.65 -2.85
C ILE B 137 -33.92 -25.85 -3.71
N GLY B 138 -34.83 -26.27 -4.48
CA GLY B 138 -34.59 -27.55 -5.26
C GLY B 138 -34.50 -28.74 -4.33
N SER B 139 -33.78 -29.78 -4.77
CA SER B 139 -33.80 -31.07 -4.18
C SER B 139 -32.75 -31.28 -3.10
N GLU B 140 -31.76 -30.39 -3.01
CA GLU B 140 -30.57 -30.57 -2.12
C GLU B 140 -30.56 -29.54 -1.02
N ILE B 141 -31.09 -29.92 0.16
CA ILE B 141 -31.22 -29.00 1.29
C ILE B 141 -29.86 -28.46 1.83
N ASP B 142 -28.78 -29.21 1.61
CA ASP B 142 -27.43 -28.78 2.00
C ASP B 142 -26.53 -28.16 0.96
N LYS B 143 -27.03 -27.92 -0.22
CA LYS B 143 -26.27 -27.32 -1.30
C LYS B 143 -26.91 -26.18 -2.01
N PHE B 144 -28.18 -25.86 -1.74
CA PHE B 144 -28.92 -24.94 -2.55
C PHE B 144 -28.38 -23.52 -2.65
N TRP B 145 -27.59 -23.08 -1.71
CA TRP B 145 -27.03 -21.77 -1.69
C TRP B 145 -25.63 -21.70 -2.37
N LEU B 146 -25.05 -22.86 -2.75
CA LEU B 146 -23.63 -23.01 -3.12
C LEU B 146 -23.52 -23.28 -4.61
N GLU B 147 -24.48 -23.92 -5.23
CA GLU B 147 -24.37 -24.43 -6.59
C GLU B 147 -25.65 -24.30 -7.43
N GLY B 148 -26.49 -23.33 -7.01
CA GLY B 148 -27.89 -23.27 -7.47
C GLY B 148 -28.74 -24.22 -6.66
N PRO B 149 -30.07 -24.03 -6.74
CA PRO B 149 -30.78 -23.07 -7.59
C PRO B 149 -30.95 -21.68 -7.03
N LEU B 150 -30.59 -21.47 -5.76
CA LEU B 150 -30.85 -20.18 -5.14
C LEU B 150 -30.01 -19.10 -5.83
N LYS B 151 -30.60 -17.95 -6.12
CA LYS B 151 -29.89 -16.79 -6.66
C LYS B 151 -30.45 -15.51 -6.09
N ILE B 152 -29.61 -14.49 -5.98
CA ILE B 152 -30.01 -13.19 -5.43
C ILE B 152 -29.13 -12.14 -6.08
N SER B 153 -29.64 -10.94 -6.30
CA SER B 153 -28.85 -9.88 -6.95
C SER B 153 -28.21 -8.99 -5.87
N ALA B 154 -27.24 -8.20 -6.28
CA ALA B 154 -26.65 -7.21 -5.35
C ALA B 154 -27.65 -6.23 -4.86
N MET B 155 -28.55 -5.78 -5.72
CA MET B 155 -29.59 -4.85 -5.23
C MET B 155 -30.47 -5.50 -4.19
N GLU B 156 -30.83 -6.74 -4.39
CA GLU B 156 -31.64 -7.50 -3.38
C GLU B 156 -30.93 -7.66 -2.11
N GLN B 157 -29.62 -7.92 -2.16
CA GLN B 157 -28.85 -8.02 -0.87
C GLN B 157 -28.83 -6.74 -0.15
N VAL B 158 -28.65 -5.61 -0.82
CA VAL B 158 -28.64 -4.34 -0.11
C VAL B 158 -29.96 -4.07 0.53
N LYS B 159 -31.07 -4.36 -0.16
CA LYS B 159 -32.41 -4.12 0.42
C LYS B 159 -32.55 -4.92 1.72
N LEU B 160 -32.07 -6.13 1.73
CA LEU B 160 -32.17 -6.96 2.94
C LEU B 160 -31.31 -6.39 4.05
N LEU B 161 -30.08 -5.99 3.77
CA LEU B 161 -29.08 -5.58 4.72
C LEU B 161 -29.47 -4.21 5.31
N ASN B 162 -30.09 -3.35 4.51
CA ASN B 162 -30.68 -2.11 5.05
C ASN B 162 -31.65 -2.42 6.18
N LEU B 163 -32.46 -3.45 5.93
CA LEU B 163 -33.42 -3.86 6.98
C LEU B 163 -32.78 -4.53 8.19
N LEU B 164 -31.89 -5.46 7.91
CA LEU B 164 -31.20 -6.19 8.97
C LEU B 164 -30.45 -5.22 9.87
N SER B 165 -29.75 -4.25 9.31
CA SER B 165 -28.89 -3.35 10.09
C SER B 165 -29.70 -2.49 11.09
N GLN B 166 -31.00 -2.36 10.83
CA GLN B 166 -31.95 -1.62 11.68
C GLN B 166 -32.87 -2.60 12.51
N SER B 167 -32.60 -3.91 12.43
CA SER B 167 -33.41 -4.93 13.07
C SER B 167 -34.86 -4.77 12.62
N LYS B 168 -35.08 -4.50 11.33
CA LYS B 168 -36.42 -4.31 10.79
C LYS B 168 -36.93 -5.47 9.97
N LEU B 169 -36.16 -6.56 9.84
CA LEU B 169 -36.72 -7.76 9.19
C LEU B 169 -37.81 -8.38 10.17
N PRO B 170 -38.70 -9.22 9.63
CA PRO B 170 -39.80 -9.84 10.27
C PRO B 170 -39.36 -11.11 11.07
N PHE B 171 -38.37 -10.91 11.97
CA PHE B 171 -37.67 -11.95 12.77
C PHE B 171 -37.50 -11.27 14.13
N LYS B 172 -37.34 -12.09 15.14
CA LYS B 172 -37.09 -11.51 16.43
CA LYS B 172 -37.10 -11.54 16.44
C LYS B 172 -35.91 -10.57 16.44
N LEU B 173 -36.09 -9.41 17.05
CA LEU B 173 -35.02 -8.45 17.29
CA LEU B 173 -34.99 -8.48 17.21
C LEU B 173 -33.78 -9.10 17.89
N GLU B 174 -33.95 -9.92 18.91
CA GLU B 174 -32.77 -10.56 19.57
C GLU B 174 -31.97 -11.45 18.60
N ASN B 175 -32.68 -12.01 17.65
CA ASN B 175 -32.00 -12.89 16.63
C ASN B 175 -31.28 -12.00 15.57
N GLN B 176 -31.88 -10.92 15.14
CA GLN B 176 -31.22 -9.97 14.19
C GLN B 176 -29.98 -9.44 14.89
N GLU B 177 -30.10 -9.09 16.17
CA GLU B 177 -28.95 -8.52 16.95
C GLU B 177 -27.81 -9.49 17.04
N GLN B 178 -28.10 -10.77 17.16
CA GLN B 178 -27.05 -11.77 17.18
C GLN B 178 -26.35 -11.83 15.85
N VAL B 179 -27.12 -11.72 14.82
CA VAL B 179 -26.53 -11.79 13.48
C VAL B 179 -25.69 -10.58 13.21
N LYS B 180 -26.10 -9.44 13.63
CA LYS B 180 -25.27 -8.25 13.57
C LYS B 180 -24.01 -8.49 14.41
N ASP B 181 -24.10 -9.00 15.61
CA ASP B 181 -22.91 -9.12 16.48
C ASP B 181 -21.83 -10.07 15.86
N ILE B 182 -22.26 -11.17 15.23
CA ILE B 182 -21.34 -12.17 14.73
C ILE B 182 -20.67 -11.74 13.45
N THR B 183 -21.25 -10.73 12.78
CA THR B 183 -20.70 -10.24 11.50
C THR B 183 -19.83 -9.06 11.67
N ILE B 184 -19.52 -8.61 12.88
CA ILE B 184 -18.62 -7.47 13.12
C ILE B 184 -17.24 -7.79 12.54
N LEU B 185 -16.77 -6.91 11.66
CA LEU B 185 -15.45 -7.05 11.01
C LEU B 185 -14.45 -6.04 11.59
N GLU B 186 -14.83 -4.77 11.77
CA GLU B 186 -13.93 -3.73 12.25
C GLU B 186 -14.73 -2.71 13.01
N LYS B 187 -14.45 -2.55 14.30
CA LYS B 187 -15.13 -1.58 15.14
CA LYS B 187 -15.12 -1.58 15.13
C LYS B 187 -14.15 -0.51 15.53
N LYS B 188 -14.45 0.73 15.13
CA LYS B 188 -13.61 1.86 15.45
C LYS B 188 -14.46 2.94 16.13
N ASP B 189 -13.82 4.02 16.54
CA ASP B 189 -14.57 5.15 17.17
C ASP B 189 -15.72 5.69 16.27
N ASP B 190 -15.44 5.92 15.00
CA ASP B 190 -16.32 6.62 14.16
C ASP B 190 -17.12 5.70 13.17
N PHE B 191 -16.90 4.39 13.20
CA PHE B 191 -17.68 3.47 12.35
C PHE B 191 -17.51 2.05 12.83
N ILE B 192 -18.51 1.23 12.48
CA ILE B 192 -18.44 -0.23 12.69
CA ILE B 192 -18.39 -0.21 12.65
C ILE B 192 -18.83 -0.89 11.35
N LEU B 193 -17.92 -1.75 10.81
CA LEU B 193 -18.17 -2.46 9.55
C LEU B 193 -18.56 -3.87 9.88
N HIS B 194 -19.71 -4.30 9.30
CA HIS B 194 -20.23 -5.66 9.36
C HIS B 194 -20.22 -6.22 7.93
N GLY B 195 -20.00 -7.54 7.79
CA GLY B 195 -20.20 -8.16 6.42
C GLY B 195 -19.97 -9.60 6.43
N LYS B 196 -19.98 -10.14 5.21
CA LYS B 196 -19.74 -11.53 4.97
C LYS B 196 -19.27 -11.65 3.49
N THR B 197 -18.22 -12.46 3.33
CA THR B 197 -17.70 -12.82 1.98
C THR B 197 -18.32 -14.11 1.52
N GLY B 198 -18.27 -14.31 0.22
CA GLY B 198 -18.63 -15.60 -0.36
C GLY B 198 -17.98 -15.73 -1.71
N TRP B 199 -17.91 -16.95 -2.16
CA TRP B 199 -17.31 -17.23 -3.49
C TRP B 199 -18.03 -18.40 -4.19
N ALA B 200 -18.74 -18.06 -5.24
CA ALA B 200 -19.53 -19.06 -5.96
C ALA B 200 -18.68 -19.71 -7.05
N THR B 201 -18.27 -20.97 -6.79
CA THR B 201 -17.31 -21.69 -7.73
C THR B 201 -17.88 -22.94 -8.34
N ASP B 202 -18.97 -23.45 -7.81
CA ASP B 202 -19.54 -24.71 -8.22
C ASP B 202 -20.69 -24.47 -9.18
N ASN B 203 -20.77 -25.33 -10.22
CA ASN B 203 -21.87 -25.24 -11.14
C ASN B 203 -22.13 -23.86 -11.75
N ILE B 204 -21.03 -23.24 -12.13
CA ILE B 204 -21.06 -21.88 -12.67
C ILE B 204 -19.88 -21.69 -13.64
N VAL B 205 -20.20 -21.08 -14.79
CA VAL B 205 -19.19 -20.97 -15.80
C VAL B 205 -18.13 -19.93 -15.39
N VAL B 206 -18.59 -18.77 -14.92
CA VAL B 206 -17.73 -17.71 -14.46
C VAL B 206 -17.96 -17.58 -12.93
N PRO B 207 -17.00 -18.06 -12.14
CA PRO B 207 -17.10 -17.90 -10.67
C PRO B 207 -17.21 -16.41 -10.29
N ILE B 208 -17.92 -16.19 -9.17
CA ILE B 208 -18.28 -14.85 -8.66
C ILE B 208 -17.87 -14.72 -7.20
N GLY B 209 -17.28 -13.61 -6.81
CA GLY B 209 -16.93 -13.37 -5.43
C GLY B 209 -17.84 -12.26 -4.94
N TRP B 210 -18.37 -12.47 -3.75
CA TRP B 210 -19.24 -11.52 -3.06
C TRP B 210 -18.61 -10.94 -1.83
N PHE B 211 -18.99 -9.71 -1.51
CA PHE B 211 -18.77 -9.16 -0.16
C PHE B 211 -19.95 -8.22 0.08
N VAL B 212 -20.66 -8.52 1.15
CA VAL B 212 -21.90 -7.79 1.47
C VAL B 212 -21.93 -7.38 2.93
N GLY B 213 -22.56 -6.28 3.25
CA GLY B 213 -22.52 -5.86 4.63
C GLY B 213 -23.10 -4.46 4.82
N TRP B 214 -22.69 -3.84 5.92
CA TRP B 214 -23.02 -2.44 6.14
C TRP B 214 -22.04 -1.79 7.10
N ILE B 215 -22.04 -0.47 7.12
CA ILE B 215 -21.25 0.32 8.05
C ILE B 215 -22.23 1.23 8.84
N GLU B 216 -22.19 1.15 10.16
CA GLU B 216 -22.93 2.09 11.01
C GLU B 216 -21.96 3.13 11.55
N THR B 217 -22.33 4.38 11.41
CA THR B 217 -21.58 5.50 12.00
C THR B 217 -22.41 6.16 13.11
N SER B 218 -21.94 7.29 13.65
CA SER B 218 -22.65 7.96 14.70
C SER B 218 -24.05 8.42 14.24
N ASP B 219 -24.24 8.59 12.92
CA ASP B 219 -25.42 9.27 12.41
C ASP B 219 -26.01 8.63 11.13
N ASN B 220 -25.51 7.47 10.70
CA ASN B 220 -25.99 6.90 9.46
C ASN B 220 -25.71 5.42 9.39
N ILE B 221 -26.24 4.77 8.36
CA ILE B 221 -25.96 3.34 8.06
C ILE B 221 -25.83 3.24 6.50
N TYR B 222 -24.72 2.70 6.03
CA TYR B 222 -24.47 2.51 4.57
C TYR B 222 -24.43 1.00 4.37
N SER B 223 -25.44 0.49 3.64
CA SER B 223 -25.51 -0.91 3.31
C SER B 223 -24.89 -1.12 1.92
N PHE B 224 -24.25 -2.27 1.74
CA PHE B 224 -23.53 -2.47 0.48
C PHE B 224 -23.49 -3.91 0.06
N ALA B 225 -23.26 -4.07 -1.24
CA ALA B 225 -22.97 -5.35 -1.87
C ALA B 225 -22.11 -5.14 -3.09
N ILE B 226 -21.04 -5.94 -3.16
CA ILE B 226 -20.22 -6.03 -4.37
C ILE B 226 -20.14 -7.44 -4.81
N ASN B 227 -20.17 -7.69 -6.11
CA ASN B 227 -19.73 -8.96 -6.64
C ASN B 227 -18.86 -8.74 -7.85
N LEU B 228 -17.88 -9.60 -8.00
CA LEU B 228 -16.81 -9.48 -9.02
C LEU B 228 -16.60 -10.84 -9.68
N ASP B 229 -16.28 -10.86 -10.93
CA ASP B 229 -15.79 -12.12 -11.54
C ASP B 229 -14.38 -12.43 -10.96
N ILE B 230 -14.28 -13.51 -10.19
CA ILE B 230 -13.06 -13.95 -9.54
C ILE B 230 -12.93 -15.46 -9.69
N SER B 231 -11.87 -15.89 -10.38
CA SER B 231 -11.70 -17.35 -10.62
C SER B 231 -10.62 -17.92 -9.78
N ASP B 232 -9.84 -17.07 -9.12
CA ASP B 232 -8.72 -17.60 -8.31
C ASP B 232 -8.65 -16.89 -6.98
N SER B 233 -8.21 -17.65 -6.04
CA SER B 233 -8.02 -17.19 -4.63
C SER B 233 -7.27 -15.91 -4.52
N LYS B 234 -6.25 -15.74 -5.41
CA LYS B 234 -5.37 -14.58 -5.38
C LYS B 234 -6.13 -13.26 -5.40
N PHE B 235 -7.27 -13.25 -6.03
CA PHE B 235 -7.98 -12.02 -6.26
C PHE B 235 -9.15 -11.78 -5.32
N LEU B 236 -9.41 -12.70 -4.41
CA LEU B 236 -10.50 -12.52 -3.51
C LEU B 236 -10.38 -11.29 -2.64
N PRO B 237 -9.16 -10.90 -2.22
CA PRO B 237 -9.06 -9.67 -1.37
C PRO B 237 -9.62 -8.39 -2.03
N LYS B 238 -9.72 -8.38 -3.38
CA LYS B 238 -10.16 -7.18 -4.05
C LYS B 238 -11.58 -6.77 -3.76
N ARG B 239 -12.44 -7.67 -3.26
CA ARG B 239 -13.78 -7.33 -2.99
C ARG B 239 -13.80 -6.27 -1.87
N GLU B 240 -13.16 -6.61 -0.76
CA GLU B 240 -13.13 -5.72 0.39
C GLU B 240 -12.25 -4.51 0.16
N GLU B 241 -11.22 -4.69 -0.68
CA GLU B 241 -10.37 -3.53 -1.07
C GLU B 241 -11.22 -2.43 -1.75
N ILE B 242 -12.09 -2.82 -2.69
CA ILE B 242 -12.90 -1.85 -3.40
C ILE B 242 -13.86 -1.14 -2.46
N VAL B 243 -14.50 -1.97 -1.62
CA VAL B 243 -15.45 -1.39 -0.71
C VAL B 243 -14.79 -0.39 0.23
N ARG B 244 -13.64 -0.77 0.74
CA ARG B 244 -12.96 0.13 1.67
C ARG B 244 -12.50 1.41 0.94
N GLU B 245 -12.00 1.30 -0.29
CA GLU B 245 -11.53 2.48 -1.06
CA GLU B 245 -11.53 2.47 -1.06
C GLU B 245 -12.70 3.47 -1.19
N TYR B 246 -13.90 2.95 -1.54
CA TYR B 246 -15.06 3.80 -1.66
C TYR B 246 -15.40 4.50 -0.33
N PHE B 247 -15.49 3.74 0.75
CA PHE B 247 -15.84 4.36 2.03
C PHE B 247 -14.81 5.29 2.61
N LYS B 248 -13.51 5.02 2.35
CA LYS B 248 -12.48 6.03 2.69
C LYS B 248 -12.70 7.35 1.95
N ASN B 249 -13.08 7.26 0.71
CA ASN B 249 -13.23 8.42 -0.16
C ASN B 249 -14.33 9.35 0.26
N ILE B 250 -15.42 8.78 0.78
CA ILE B 250 -16.49 9.53 1.33
C ILE B 250 -16.38 9.72 2.84
N ASN B 251 -15.17 9.46 3.41
CA ASN B 251 -14.84 9.82 4.81
C ASN B 251 -15.72 9.09 5.85
N VAL B 252 -16.16 7.91 5.49
CA VAL B 252 -16.88 7.01 6.38
C VAL B 252 -15.91 6.15 7.16
N ILE B 253 -14.96 5.55 6.48
CA ILE B 253 -13.79 4.95 7.09
C ILE B 253 -12.73 6.02 7.19
N LYS B 254 -12.32 6.28 8.44
CA LYS B 254 -11.49 7.39 8.81
C LYS B 254 -11.12 7.15 10.29
N ILE C 8 21.64 -1.41 28.34
CA ILE C 8 22.83 -0.50 28.22
C ILE C 8 23.31 -0.17 26.80
N ILE C 9 22.76 -0.88 25.82
CA ILE C 9 23.13 -0.60 24.41
C ILE C 9 22.03 -1.03 23.45
N SER C 10 21.90 -0.33 22.31
CA SER C 10 20.96 -0.74 21.27
C SER C 10 21.72 -1.59 20.26
N PHE C 11 21.06 -2.59 19.72
CA PHE C 11 21.71 -3.58 18.81
C PHE C 11 21.98 -3.02 17.40
N GLY C 12 23.25 -3.20 16.96
CA GLY C 12 23.63 -2.94 15.58
C GLY C 12 24.27 -4.16 14.91
N ASN C 13 23.86 -4.39 13.67
CA ASN C 13 24.29 -5.53 12.83
C ASN C 13 25.03 -5.04 11.60
N GLU C 14 26.24 -5.57 11.41
CA GLU C 14 27.04 -5.32 10.20
C GLU C 14 26.44 -6.12 9.07
N ASN C 15 25.68 -5.48 8.18
CA ASN C 15 24.81 -6.21 7.27
C ASN C 15 25.57 -6.77 6.08
N GLN C 16 25.52 -8.08 5.93
CA GLN C 16 26.25 -8.72 4.81
C GLN C 16 25.76 -8.38 3.42
N PHE C 17 24.46 -8.25 3.22
CA PHE C 17 23.92 -7.79 1.96
C PHE C 17 24.38 -6.38 1.62
N MET C 18 24.34 -5.46 2.56
CA MET C 18 24.90 -4.15 2.27
C MET C 18 26.37 -4.21 1.87
N LYS C 19 27.16 -4.99 2.57
CA LYS C 19 28.57 -5.25 2.28
CA LYS C 19 28.57 -5.17 2.27
C LYS C 19 28.72 -5.71 0.85
N GLU C 20 27.88 -6.65 0.47
CA GLU C 20 27.96 -7.28 -0.90
C GLU C 20 27.73 -6.18 -1.95
N ILE C 21 26.72 -5.31 -1.71
CA ILE C 21 26.44 -4.19 -2.67
C ILE C 21 27.67 -3.27 -2.78
N PHE C 22 28.18 -2.80 -1.64
CA PHE C 22 29.26 -1.83 -1.61
C PHE C 22 30.53 -2.42 -2.27
N GLU C 23 30.79 -3.69 -1.97
CA GLU C 23 32.04 -4.36 -2.44
C GLU C 23 32.09 -4.74 -3.91
N ARG C 24 30.96 -4.75 -4.60
CA ARG C 24 30.93 -5.16 -6.03
C ARG C 24 31.93 -4.30 -6.79
N LYS C 25 31.81 -2.97 -6.59
CA LYS C 25 32.67 -1.91 -7.20
C LYS C 25 33.72 -1.29 -6.27
N GLY C 26 33.60 -1.57 -4.99
CA GLY C 26 34.41 -0.94 -3.93
C GLY C 26 34.03 0.54 -3.75
N LEU C 27 32.74 0.80 -3.68
CA LEU C 27 32.25 2.15 -3.48
C LEU C 27 32.66 2.57 -2.11
N ASN C 28 32.91 3.85 -1.90
CA ASN C 28 33.20 4.38 -0.56
C ASN C 28 31.98 5.14 -0.01
N GLY C 29 31.40 4.60 1.05
CA GLY C 29 30.22 5.18 1.67
C GLY C 29 29.79 4.50 2.94
N THR C 30 28.59 4.88 3.35
CA THR C 30 27.99 4.30 4.51
C THR C 30 26.52 4.14 4.21
N PHE C 31 25.86 3.24 4.96
CA PHE C 31 24.40 3.01 4.87
C PHE C 31 23.93 2.50 6.17
N VAL C 32 22.91 3.19 6.66
CA VAL C 32 22.25 2.86 7.95
C VAL C 32 20.74 2.76 7.70
N VAL C 33 20.14 1.68 8.29
CA VAL C 33 18.67 1.47 8.34
C VAL C 33 18.33 1.17 9.78
N TYR C 34 17.41 1.95 10.32
CA TYR C 34 16.77 1.67 11.63
C TYR C 34 15.41 1.05 11.45
N ASP C 35 15.30 -0.12 12.01
CA ASP C 35 14.07 -0.89 12.12
C ASP C 35 13.40 -0.50 13.45
N LEU C 36 12.31 0.27 13.34
CA LEU C 36 11.69 0.80 14.54
C LEU C 36 11.20 -0.31 15.47
N LYS C 37 10.48 -1.27 14.91
CA LYS C 37 9.85 -2.29 15.74
C LYS C 37 10.93 -3.08 16.55
N ASN C 38 12.09 -3.32 15.98
CA ASN C 38 13.20 -4.05 16.67
C ASN C 38 14.26 -3.20 17.35
N ASP C 39 14.07 -1.88 17.24
CA ASP C 39 15.02 -0.91 17.85
C ASP C 39 16.44 -1.29 17.52
N LYS C 40 16.77 -1.40 16.23
CA LYS C 40 18.07 -1.86 15.88
C LYS C 40 18.46 -1.22 14.57
N ILE C 41 19.77 -1.28 14.31
CA ILE C 41 20.29 -0.78 13.06
C ILE C 41 20.94 -1.88 12.25
N ASP C 42 20.82 -1.81 10.93
CA ASP C 42 21.67 -2.55 10.01
C ASP C 42 22.56 -1.56 9.32
N TYR C 43 23.84 -1.86 9.23
CA TYR C 43 24.72 -0.81 8.70
C TYR C 43 25.79 -1.40 7.84
N TYR C 44 26.38 -0.53 7.02
CA TYR C 44 27.67 -0.68 6.38
C TYR C 44 28.56 0.50 6.73
N ASN C 45 29.83 0.22 7.11
CA ASN C 45 30.86 1.19 7.46
C ASN C 45 30.35 2.05 8.63
N LEU C 46 30.37 1.52 9.86
CA LEU C 46 29.97 2.25 11.05
C LEU C 46 30.78 3.47 11.44
N ASP C 47 32.09 3.47 11.22
CA ASP C 47 32.88 4.62 11.47
C ASP C 47 32.34 5.78 10.60
N ARG C 48 32.11 5.51 9.30
CA ARG C 48 31.64 6.58 8.46
C ARG C 48 30.18 6.92 8.78
N ALA C 49 29.40 5.96 9.27
CA ALA C 49 28.04 6.23 9.66
C ALA C 49 27.97 7.32 10.69
N ASN C 50 29.00 7.42 11.47
CA ASN C 50 29.09 8.39 12.56
C ASN C 50 29.87 9.67 12.18
N GLU C 51 30.35 9.75 10.92
CA GLU C 51 31.04 10.90 10.44
C GLU C 51 30.09 11.97 9.94
N ARG C 52 30.27 13.21 10.39
CA ARG C 52 29.41 14.25 9.93
C ARG C 52 29.88 14.82 8.61
N PHE C 53 28.90 15.08 7.72
CA PHE C 53 29.15 15.72 6.40
C PHE C 53 28.13 16.84 6.17
N TYR C 54 28.45 17.79 5.28
CA TYR C 54 27.47 18.80 4.97
C TYR C 54 26.19 18.06 4.47
N PRO C 55 25.00 18.43 4.89
CA PRO C 55 23.79 17.69 4.49
C PRO C 55 23.40 18.00 3.06
N ALA C 56 23.84 19.13 2.51
CA ALA C 56 23.43 19.58 1.15
C ALA C 56 21.89 19.57 1.14
N SER C 57 21.27 19.25 0.02
CA SER C 57 19.81 19.45 -0.07
C SER C 57 19.02 18.53 0.80
N SER C 58 19.63 17.52 1.41
CA SER C 58 18.90 16.72 2.36
C SER C 58 18.34 17.56 3.56
N PHE C 59 18.99 18.71 3.79
CA PHE C 59 18.54 19.69 4.72
C PHE C 59 17.13 20.27 4.47
N ILE C 61 14.34 19.00 4.07
CA ILE C 61 13.30 18.38 4.85
C ILE C 61 13.05 19.30 6.11
N PHE C 62 14.12 19.64 6.78
CA PHE C 62 14.08 20.26 8.08
C PHE C 62 13.99 21.76 7.95
N ASN C 63 14.61 22.31 6.92
CA ASN C 63 14.37 23.76 6.58
C ASN C 63 12.85 24.02 6.45
N THR C 64 12.19 23.14 5.70
CA THR C 64 10.73 23.26 5.53
C THR C 64 10.04 23.27 6.92
N LEU C 65 10.38 22.32 7.77
CA LEU C 65 9.74 22.17 9.04
C LEU C 65 9.88 23.42 9.91
N ILE C 66 11.06 24.00 9.86
CA ILE C 66 11.34 25.21 10.68
C ILE C 66 10.58 26.43 10.11
N GLY C 67 10.52 26.52 8.78
CA GLY C 67 9.74 27.51 8.06
C GLY C 67 8.29 27.41 8.42
N LEU C 68 7.75 26.21 8.41
CA LEU C 68 6.33 26.06 8.81
C LEU C 68 6.06 26.41 10.26
N GLU C 69 6.95 26.03 11.15
CA GLU C 69 6.75 26.28 12.55
C GLU C 69 6.70 27.78 12.84
N ASN C 70 7.52 28.54 12.14
CA ASN C 70 7.61 30.00 12.27
C ASN C 70 6.64 30.79 11.39
N GLY C 71 5.70 30.07 10.72
CA GLY C 71 4.62 30.73 9.95
C GLY C 71 5.14 31.50 8.77
N ILE C 72 6.30 31.11 8.27
CA ILE C 72 6.90 31.87 7.10
C ILE C 72 5.98 31.72 5.93
N VAL C 73 5.38 30.55 5.80
CA VAL C 73 4.30 30.25 4.87
C VAL C 73 3.18 29.64 5.73
N LYS C 74 1.93 29.76 5.22
CA LYS C 74 0.77 29.20 5.86
C LYS C 74 0.79 27.68 5.85
N ASN C 75 1.22 27.13 4.73
CA ASN C 75 1.39 25.69 4.53
C ASN C 75 2.25 25.47 3.31
N VAL C 76 2.51 24.21 2.93
CA VAL C 76 3.40 23.87 1.85
C VAL C 76 2.81 24.10 0.51
N ASP C 77 1.50 24.43 0.43
CA ASP C 77 0.88 24.73 -0.87
C ASP C 77 0.75 26.20 -1.17
N GLU C 78 1.19 27.07 -0.25
CA GLU C 78 1.04 28.53 -0.41
C GLU C 78 2.17 29.03 -1.33
N MET C 79 1.84 29.78 -2.35
CA MET C 79 2.88 30.33 -3.21
CA MET C 79 2.85 30.40 -3.23
C MET C 79 3.84 31.18 -2.37
N PHE C 80 5.15 31.01 -2.63
CA PHE C 80 6.25 31.57 -1.82
C PHE C 80 7.42 32.13 -2.58
N TYR C 81 7.91 31.36 -3.53
CA TYR C 81 9.04 31.77 -4.28
C TYR C 81 8.57 32.33 -5.64
N TYR C 82 9.02 33.52 -5.95
CA TYR C 82 8.64 34.22 -7.19
C TYR C 82 9.84 34.31 -8.10
N TYR C 83 9.77 33.57 -9.22
CA TYR C 83 10.89 33.55 -10.15
C TYR C 83 10.94 34.88 -10.91
N ASP C 84 12.15 35.23 -11.36
CA ASP C 84 12.37 36.50 -12.05
C ASP C 84 13.32 36.45 -13.26
N GLY C 85 13.51 35.27 -13.83
CA GLY C 85 14.40 35.07 -14.98
C GLY C 85 15.85 34.91 -14.63
N SER C 86 16.18 34.90 -13.31
CA SER C 86 17.58 34.69 -12.87
C SER C 86 18.14 33.30 -13.29
N LYS C 87 19.46 33.17 -13.29
CA LYS C 87 20.11 31.92 -13.63
C LYS C 87 19.84 30.84 -12.58
N VAL C 88 19.47 29.67 -13.09
CA VAL C 88 19.13 28.52 -12.23
C VAL C 88 19.72 27.32 -12.84
N PHE C 89 20.26 26.44 -12.00
CA PHE C 89 20.95 25.30 -12.51
C PHE C 89 20.06 24.31 -13.29
N LEU C 90 18.89 24.03 -12.77
CA LEU C 90 17.96 23.11 -13.40
C LEU C 90 16.77 23.92 -13.90
N ASP C 91 16.33 23.60 -15.15
CA ASP C 91 15.18 24.29 -15.72
C ASP C 91 13.89 24.23 -14.95
N SER C 92 13.75 23.15 -14.23
CA SER C 92 12.56 23.00 -13.36
C SER C 92 12.47 24.05 -12.22
N TRP C 93 13.57 24.72 -11.95
CA TRP C 93 13.61 25.80 -10.99
C TRP C 93 13.08 27.15 -11.53
N ALA C 94 12.98 27.28 -12.83
CA ALA C 94 12.70 28.54 -13.46
C ALA C 94 11.21 28.86 -13.48
N LYS C 95 10.61 28.90 -12.28
CA LYS C 95 9.16 29.18 -12.18
C LYS C 95 8.81 29.48 -10.73
N ASP C 96 7.73 30.25 -10.54
CA ASP C 96 7.11 30.50 -9.25
C ASP C 96 6.75 29.15 -8.57
N SER C 97 6.84 29.07 -7.27
CA SER C 97 6.58 27.85 -6.56
C SER C 97 6.09 28.03 -5.12
N ASN C 98 5.47 26.98 -4.62
CA ASN C 98 5.24 26.73 -3.22
C ASN C 98 6.30 25.75 -2.73
N LEU C 99 6.37 25.50 -1.41
CA LEU C 99 7.39 24.62 -0.85
C LEU C 99 7.25 23.17 -1.27
N ARG C 100 6.01 22.68 -1.44
CA ARG C 100 5.84 21.32 -1.94
C ARG C 100 6.59 21.10 -3.22
N TYR C 101 6.42 22.01 -4.19
CA TYR C 101 7.08 21.87 -5.47
C TYR C 101 8.59 22.04 -5.28
N ALA C 102 8.98 23.03 -4.50
CA ALA C 102 10.37 23.36 -4.30
C ALA C 102 11.16 22.14 -3.79
N ILE C 103 10.56 21.41 -2.83
CA ILE C 103 11.36 20.33 -2.25
C ILE C 103 11.51 19.21 -3.26
N LYS C 104 10.44 19.01 -4.04
CA LYS C 104 10.43 17.89 -5.04
C LYS C 104 11.43 18.06 -6.09
N VAL C 105 11.68 19.31 -6.48
CA VAL C 105 12.65 19.51 -7.51
C VAL C 105 14.03 19.99 -6.97
N SER C 106 14.10 20.18 -5.67
CA SER C 106 15.32 20.63 -4.98
C SER C 106 15.69 22.08 -5.41
N GLN C 107 14.68 22.92 -5.37
CA GLN C 107 14.81 24.33 -5.92
C GLN C 107 15.55 25.18 -4.86
N VAL C 108 16.89 25.17 -4.98
CA VAL C 108 17.73 25.93 -4.04
C VAL C 108 17.25 27.41 -3.87
N PRO C 109 16.91 28.12 -4.94
CA PRO C 109 16.59 29.57 -4.68
C PRO C 109 15.40 29.72 -3.78
N ALA C 110 14.43 28.81 -3.82
CA ALA C 110 13.36 28.90 -2.89
C ALA C 110 13.72 28.72 -1.42
N TYR C 111 14.67 27.84 -1.14
CA TYR C 111 15.14 27.56 0.20
C TYR C 111 16.16 28.61 0.70
N LYS C 112 16.91 29.24 -0.22
CA LYS C 112 17.67 30.42 0.18
C LYS C 112 16.72 31.55 0.63
N LYS C 113 15.61 31.74 -0.04
CA LYS C 113 14.64 32.75 0.30
C LYS C 113 14.05 32.41 1.70
N LEU C 114 13.76 31.15 1.88
CA LEU C 114 13.22 30.71 3.18
C LEU C 114 14.20 30.99 4.27
N ALA C 115 15.48 30.57 4.12
CA ALA C 115 16.49 30.74 5.11
C ALA C 115 16.67 32.27 5.45
N ARG C 116 16.67 33.10 4.42
CA ARG C 116 16.89 34.56 4.60
C ARG C 116 15.76 35.14 5.40
N GLU C 117 14.53 34.71 5.13
CA GLU C 117 13.41 35.26 5.85
C GLU C 117 13.39 34.78 7.30
N LEU C 118 13.71 33.50 7.54
CA LEU C 118 13.83 33.04 8.88
C LEU C 118 14.85 33.84 9.67
N GLY C 119 16.03 34.02 9.05
CA GLY C 119 17.12 34.73 9.76
C GLY C 119 17.84 33.78 10.70
N LYS C 120 19.04 34.18 11.12
CA LYS C 120 19.89 33.26 11.86
C LYS C 120 19.29 32.87 13.24
N GLU C 121 18.75 33.83 13.97
CA GLU C 121 18.24 33.50 15.28
C GLU C 121 17.12 32.44 15.20
N ARG C 122 16.16 32.58 14.31
CA ARG C 122 15.09 31.61 14.24
C ARG C 122 15.58 30.31 13.59
N MET C 123 16.52 30.39 12.67
CA MET C 123 17.12 29.17 12.12
C MET C 123 17.80 28.42 13.24
N GLN C 124 18.63 29.13 14.02
CA GLN C 124 19.36 28.47 15.08
C GLN C 124 18.46 27.80 16.10
N GLU C 125 17.37 28.47 16.47
CA GLU C 125 16.43 27.90 17.35
C GLU C 125 15.85 26.61 16.83
N GLY C 126 15.51 26.58 15.56
CA GLY C 126 15.04 25.38 14.89
C GLY C 126 16.09 24.20 14.91
N LEU C 127 17.35 24.49 14.51
CA LEU C 127 18.42 23.51 14.58
C LEU C 127 18.58 22.98 16.00
N ASN C 128 18.51 23.90 16.98
CA ASN C 128 18.67 23.57 18.41
C ASN C 128 17.54 22.66 18.93
N LYS C 129 16.33 22.94 18.52
CA LYS C 129 15.15 22.13 18.90
C LYS C 129 15.31 20.72 18.32
N LEU C 130 15.77 20.66 17.09
CA LEU C 130 16.01 19.41 16.36
C LEU C 130 17.23 18.69 16.86
N ASN C 131 18.08 19.41 17.59
CA ASN C 131 19.49 18.93 17.78
C ASN C 131 20.16 18.41 16.52
N TYR C 132 20.07 19.21 15.48
CA TYR C 132 20.42 18.77 14.09
C TYR C 132 21.92 18.85 13.87
N GLY C 133 22.58 17.66 13.78
CA GLY C 133 24.02 17.59 13.55
C GLY C 133 24.79 18.47 14.49
N ASN C 134 25.76 19.18 13.95
CA ASN C 134 26.58 20.09 14.71
C ASN C 134 25.93 21.46 14.98
N LYS C 135 24.71 21.68 14.43
CA LYS C 135 23.92 22.93 14.68
C LYS C 135 24.69 24.20 14.28
N GLU C 136 25.63 24.15 13.35
CA GLU C 136 26.44 25.30 13.00
C GLU C 136 25.90 26.05 11.79
N ILE C 137 25.70 27.36 11.95
CA ILE C 137 25.27 28.23 10.86
C ILE C 137 26.36 29.16 10.34
N GLY C 138 27.18 29.69 11.18
CA GLY C 138 28.17 30.66 10.59
C GLY C 138 27.54 31.96 10.14
N SER C 139 28.19 32.65 9.21
CA SER C 139 27.84 33.98 8.79
C SER C 139 27.03 34.09 7.49
N GLU C 140 26.82 32.95 6.80
CA GLU C 140 26.10 32.92 5.50
C GLU C 140 24.79 32.13 5.65
N ILE C 141 23.74 32.89 5.87
CA ILE C 141 22.44 32.35 6.16
C ILE C 141 21.84 31.51 5.06
N ASP C 142 22.28 31.79 3.84
CA ASP C 142 21.77 31.03 2.67
C ASP C 142 22.71 30.01 2.09
N LYS C 143 23.80 29.66 2.80
CA LYS C 143 24.79 28.70 2.29
C LYS C 143 25.17 27.67 3.30
N PHE C 144 24.71 27.81 4.56
CA PHE C 144 25.31 27.03 5.66
C PHE C 144 25.09 25.56 5.55
N TRP C 145 24.07 25.08 4.81
CA TRP C 145 23.82 23.65 4.67
C TRP C 145 24.49 23.04 3.44
N LEU C 146 25.14 23.87 2.64
CA LEU C 146 25.62 23.46 1.36
C LEU C 146 27.15 23.44 1.26
N GLU C 147 27.81 24.26 2.02
CA GLU C 147 29.27 24.41 1.87
C GLU C 147 29.97 24.51 3.18
N GLY C 148 29.37 23.94 4.17
CA GLY C 148 29.74 24.20 5.62
C GLY C 148 29.14 25.51 6.15
N PRO C 149 29.06 25.71 7.48
CA PRO C 149 29.70 24.83 8.48
C PRO C 149 28.81 23.72 9.01
N LEU C 150 27.55 23.66 8.60
CA LEU C 150 26.68 22.61 9.11
C LEU C 150 27.10 21.23 8.65
N LYS C 151 27.10 20.27 9.54
CA LYS C 151 27.41 18.87 9.24
C LYS C 151 26.53 17.99 10.09
N ILE C 152 26.22 16.83 9.53
CA ILE C 152 25.33 15.84 10.18
C ILE C 152 25.78 14.45 9.74
N SER C 153 25.74 13.46 10.63
CA SER C 153 26.08 12.12 10.19
C SER C 153 24.90 11.33 9.70
N ALA C 154 25.19 10.17 9.07
CA ALA C 154 24.09 9.32 8.64
C ALA C 154 23.29 8.80 9.84
N MET C 155 23.98 8.42 10.89
CA MET C 155 23.28 7.95 12.10
C MET C 155 22.37 9.05 12.66
N GLU C 156 22.86 10.29 12.63
CA GLU C 156 22.03 11.43 13.11
C GLU C 156 20.86 11.62 12.19
N GLN C 157 21.03 11.52 10.87
CA GLN C 157 19.90 11.64 9.98
C GLN C 157 18.78 10.62 10.31
N VAL C 158 19.17 9.36 10.47
CA VAL C 158 18.26 8.31 10.74
C VAL C 158 17.51 8.50 12.04
N LYS C 159 18.16 9.01 13.07
CA LYS C 159 17.46 9.27 14.32
C LYS C 159 16.41 10.35 14.17
N LEU C 160 16.70 11.41 13.44
CA LEU C 160 15.72 12.47 13.19
C LEU C 160 14.54 11.97 12.38
N LEU C 161 14.82 11.18 11.34
CA LEU C 161 13.80 10.69 10.41
C LEU C 161 12.88 9.71 11.13
N ASN C 162 13.49 8.87 11.98
CA ASN C 162 12.66 7.98 12.82
C ASN C 162 11.62 8.79 13.61
N LEU C 163 12.02 9.90 14.24
CA LEU C 163 11.13 10.75 14.93
C LEU C 163 10.17 11.44 14.02
N LEU C 164 10.63 12.00 12.96
CA LEU C 164 9.73 12.68 12.00
C LEU C 164 8.63 11.75 11.50
N SER C 165 8.99 10.53 11.14
CA SER C 165 8.05 9.59 10.49
C SER C 165 6.84 9.30 11.47
N GLN C 166 7.03 9.47 12.79
CA GLN C 166 6.06 9.17 13.81
C GLN C 166 5.48 10.46 14.38
N SER C 167 5.77 11.59 13.76
CA SER C 167 5.42 12.93 14.29
C SER C 167 5.81 13.09 15.75
N LYS C 168 7.01 12.69 16.13
CA LYS C 168 7.46 12.80 17.50
C LYS C 168 8.49 13.86 17.71
N LEU C 169 8.77 14.71 16.72
CA LEU C 169 9.65 15.86 16.96
C LEU C 169 8.89 16.98 17.67
N PRO C 170 9.59 17.90 18.34
CA PRO C 170 8.94 18.91 19.17
C PRO C 170 8.52 20.12 18.26
N PHE C 171 7.63 19.81 17.37
CA PHE C 171 7.10 20.75 16.37
C PHE C 171 5.64 20.40 16.23
N LYS C 172 4.86 21.34 15.69
CA LYS C 172 3.40 21.06 15.53
C LYS C 172 3.12 19.82 14.66
N LEU C 173 2.18 19.03 15.11
CA LEU C 173 1.87 17.79 14.45
C LEU C 173 1.49 18.07 13.01
N GLU C 174 0.69 19.10 12.80
CA GLU C 174 0.33 19.46 11.41
C GLU C 174 1.53 19.78 10.57
N ASN C 175 2.56 20.39 11.11
CA ASN C 175 3.74 20.74 10.29
C ASN C 175 4.59 19.53 9.92
N GLN C 176 4.68 18.60 10.88
CA GLN C 176 5.33 17.33 10.63
C GLN C 176 4.56 16.57 9.54
N GLU C 177 3.22 16.58 9.60
CA GLU C 177 2.46 15.84 8.64
CA GLU C 177 2.40 15.82 8.60
C GLU C 177 2.68 16.42 7.23
N GLN C 178 2.76 17.75 7.11
CA GLN C 178 3.03 18.36 5.81
C GLN C 178 4.38 17.97 5.30
N VAL C 179 5.42 17.93 6.14
CA VAL C 179 6.75 17.49 5.67
C VAL C 179 6.72 16.03 5.21
N LYS C 180 5.95 15.21 5.92
CA LYS C 180 5.78 13.84 5.51
C LYS C 180 5.12 13.80 4.13
N ASP C 181 4.06 14.59 3.93
CA ASP C 181 3.36 14.52 2.72
C ASP C 181 4.15 14.99 1.51
N ILE C 182 4.90 16.07 1.67
CA ILE C 182 5.72 16.54 0.54
C ILE C 182 6.89 15.69 0.12
N THR C 183 7.33 14.79 0.99
CA THR C 183 8.47 13.92 0.76
C THR C 183 8.09 12.52 0.26
N ILE C 184 6.80 12.31 -0.03
CA ILE C 184 6.37 11.04 -0.68
C ILE C 184 7.02 10.84 -2.06
N LEU C 185 7.73 9.75 -2.14
CA LEU C 185 8.39 9.35 -3.39
C LEU C 185 7.64 8.25 -4.13
N GLU C 186 7.23 7.21 -3.44
CA GLU C 186 6.49 6.08 -4.04
C GLU C 186 5.52 5.53 -3.01
N LYS C 187 4.24 5.65 -3.31
CA LYS C 187 3.18 5.04 -2.51
CA LYS C 187 3.16 5.03 -2.51
C LYS C 187 2.59 3.82 -3.22
N LYS C 188 2.69 2.64 -2.58
CA LYS C 188 2.11 1.38 -3.05
C LYS C 188 1.24 0.78 -1.92
N ASP C 189 0.52 -0.29 -2.23
CA ASP C 189 -0.34 -0.86 -1.16
C ASP C 189 0.48 -1.33 -0.02
N ASP C 190 1.69 -1.85 -0.29
CA ASP C 190 2.45 -2.55 0.75
C ASP C 190 3.54 -1.72 1.39
N PHE C 191 3.80 -0.51 0.88
CA PHE C 191 4.84 0.35 1.50
C PHE C 191 4.65 1.76 0.95
N ILE C 192 5.05 2.77 1.77
CA ILE C 192 5.26 4.09 1.23
C ILE C 192 6.66 4.55 1.55
N LEU C 193 7.36 4.99 0.53
CA LEU C 193 8.71 5.52 0.57
C LEU C 193 8.70 7.04 0.51
N HIS C 194 9.34 7.65 1.50
CA HIS C 194 9.57 9.10 1.68
C HIS C 194 11.08 9.30 1.60
N GLY C 195 11.53 10.43 1.05
CA GLY C 195 12.93 10.75 1.21
C GLY C 195 13.32 12.05 0.48
N LYS C 196 14.61 12.31 0.51
CA LYS C 196 15.26 13.45 -0.13
C LYS C 196 16.70 13.17 -0.47
N THR C 197 17.05 13.55 -1.71
CA THR C 197 18.43 13.48 -2.19
C THR C 197 19.21 14.75 -1.93
N GLY C 198 20.56 14.64 -1.95
CA GLY C 198 21.45 15.81 -1.94
C GLY C 198 22.82 15.45 -2.39
N TRP C 199 23.56 16.46 -2.83
CA TRP C 199 24.93 16.27 -3.30
C TRP C 199 25.78 17.45 -2.83
N ALA C 200 26.76 17.14 -1.97
CA ALA C 200 27.71 18.12 -1.38
C ALA C 200 28.90 18.23 -2.20
N THR C 201 28.97 19.35 -2.95
CA THR C 201 30.05 19.53 -3.90
C THR C 201 30.94 20.74 -3.62
N ASP C 202 30.51 21.66 -2.77
CA ASP C 202 31.19 22.91 -2.56
C ASP C 202 32.04 22.85 -1.28
N ASN C 203 33.24 23.43 -1.33
CA ASN C 203 34.13 23.47 -0.19
C ASN C 203 34.35 22.12 0.44
N ILE C 204 34.56 21.14 -0.44
CA ILE C 204 34.78 19.74 0.00
C ILE C 204 35.76 19.13 -1.02
N VAL C 205 36.73 18.36 -0.57
CA VAL C 205 37.71 17.75 -1.49
C VAL C 205 37.12 16.55 -2.25
N VAL C 206 36.36 15.71 -1.53
CA VAL C 206 35.69 14.54 -2.13
C VAL C 206 34.15 14.75 -2.05
N PRO C 207 33.50 15.02 -3.20
CA PRO C 207 32.00 15.31 -3.11
C PRO C 207 31.26 14.06 -2.67
N ILE C 208 30.13 14.28 -1.96
CA ILE C 208 29.37 13.20 -1.24
C ILE C 208 27.90 13.30 -1.63
N GLY C 209 27.34 12.20 -2.12
CA GLY C 209 25.88 12.15 -2.41
C GLY C 209 25.11 11.46 -1.28
N TRP C 210 24.01 12.12 -0.91
CA TRP C 210 23.07 11.62 0.12
C TRP C 210 21.77 11.21 -0.43
N PHE C 211 21.19 10.19 0.25
CA PHE C 211 19.72 9.89 0.05
C PHE C 211 19.28 9.43 1.42
N VAL C 212 18.26 10.15 1.95
CA VAL C 212 17.78 9.85 3.31
C VAL C 212 16.28 9.83 3.24
N GLY C 213 15.66 9.09 4.15
CA GLY C 213 14.19 8.97 4.17
C GLY C 213 13.71 7.86 5.08
N TRP C 214 12.48 7.42 4.81
CA TRP C 214 12.00 6.23 5.48
C TRP C 214 10.93 5.52 4.63
N ILE C 215 10.63 4.30 5.03
CA ILE C 215 9.60 3.49 4.39
C ILE C 215 8.70 3.01 5.49
N GLU C 216 7.41 3.27 5.35
CA GLU C 216 6.40 2.70 6.31
C GLU C 216 5.63 1.55 5.60
N THR C 217 5.50 0.43 6.29
CA THR C 217 4.76 -0.71 5.81
C THR C 217 3.57 -0.89 6.72
N SER C 218 2.81 -1.97 6.55
CA SER C 218 1.70 -2.25 7.42
C SER C 218 2.09 -2.46 8.89
N ASP C 219 3.34 -2.84 9.18
CA ASP C 219 3.72 -3.11 10.58
C ASP C 219 5.09 -2.66 10.98
N ASN C 220 5.67 -1.74 10.18
CA ASN C 220 6.97 -1.24 10.62
C ASN C 220 7.28 0.11 9.97
N ILE C 221 8.30 0.75 10.46
CA ILE C 221 8.88 1.94 9.82
C ILE C 221 10.38 1.78 9.81
N TYR C 222 10.99 1.85 8.57
CA TYR C 222 12.42 1.68 8.36
C TYR C 222 12.96 3.04 7.98
N SER C 223 13.72 3.72 8.85
CA SER C 223 14.35 4.99 8.54
C SER C 223 15.79 4.74 7.98
N PHE C 224 16.24 5.45 6.94
CA PHE C 224 17.51 5.16 6.29
C PHE C 224 18.28 6.42 5.94
N ALA C 225 19.59 6.22 5.81
CA ALA C 225 20.42 7.23 5.28
C ALA C 225 21.58 6.50 4.61
N ILE C 226 21.88 6.91 3.37
CA ILE C 226 23.10 6.47 2.67
C ILE C 226 23.92 7.72 2.26
N ASN C 227 25.25 7.65 2.38
CA ASN C 227 26.02 8.64 1.63
C ASN C 227 27.19 7.94 1.04
N LEU C 228 27.62 8.44 -0.13
CA LEU C 228 28.64 7.81 -1.02
C LEU C 228 29.52 8.90 -1.56
N ASP C 229 30.79 8.59 -1.75
CA ASP C 229 31.66 9.46 -2.60
C ASP C 229 31.19 9.35 -4.02
N ILE C 230 30.77 10.46 -4.58
CA ILE C 230 30.32 10.57 -5.97
C ILE C 230 30.82 11.88 -6.56
N SER C 231 31.59 11.75 -7.65
CA SER C 231 32.10 12.93 -8.39
CA SER C 231 32.12 12.90 -8.41
C SER C 231 31.42 13.15 -9.74
N ASP C 232 30.67 12.19 -10.20
CA ASP C 232 30.02 12.22 -11.48
C ASP C 232 28.53 12.35 -11.22
N SER C 233 27.95 13.45 -11.68
CA SER C 233 26.52 13.69 -11.55
C SER C 233 25.72 12.57 -12.16
N LYS C 234 26.25 11.99 -13.22
CA LYS C 234 25.55 10.92 -13.86
C LYS C 234 25.47 9.59 -13.10
N PHE C 235 26.23 9.49 -12.03
CA PHE C 235 26.28 8.30 -11.19
C PHE C 235 25.37 8.51 -9.92
N LEU C 236 24.81 9.72 -9.79
CA LEU C 236 23.96 9.99 -8.64
C LEU C 236 22.78 9.01 -8.47
N PRO C 237 22.19 8.48 -9.55
CA PRO C 237 21.13 7.52 -9.35
C PRO C 237 21.48 6.33 -8.42
N LYS C 238 22.75 6.03 -8.26
CA LYS C 238 23.15 4.87 -7.47
C LYS C 238 22.72 4.97 -6.04
N ARG C 239 22.56 6.19 -5.55
CA ARG C 239 22.20 6.33 -4.08
C ARG C 239 20.88 5.58 -3.81
N GLU C 240 19.88 5.94 -4.62
CA GLU C 240 18.55 5.35 -4.51
C GLU C 240 18.53 3.90 -5.03
N GLU C 241 19.41 3.56 -6.00
CA GLU C 241 19.51 2.17 -6.46
C GLU C 241 19.88 1.24 -5.31
N ILE C 242 20.84 1.66 -4.49
CA ILE C 242 21.35 0.77 -3.39
C ILE C 242 20.31 0.64 -2.36
N VAL C 243 19.65 1.76 -2.03
CA VAL C 243 18.59 1.68 -1.05
C VAL C 243 17.45 0.77 -1.43
N ARG C 244 16.99 0.91 -2.66
CA ARG C 244 15.92 0.06 -3.18
C ARG C 244 16.34 -1.40 -3.24
N GLU C 245 17.58 -1.66 -3.62
CA GLU C 245 18.12 -3.04 -3.64
C GLU C 245 18.07 -3.75 -2.27
N TYR C 246 18.45 -3.01 -1.22
CA TYR C 246 18.39 -3.51 0.14
C TYR C 246 16.94 -3.79 0.51
N PHE C 247 16.03 -2.85 0.21
CA PHE C 247 14.64 -3.04 0.65
C PHE C 247 13.86 -4.09 -0.18
N LYS C 248 14.22 -4.30 -1.40
CA LYS C 248 13.70 -5.43 -2.17
C LYS C 248 14.15 -6.77 -1.57
N ASN C 249 15.37 -6.80 -1.10
CA ASN C 249 16.01 -8.03 -0.63
C ASN C 249 15.32 -8.55 0.63
N ILE C 250 14.87 -7.59 1.46
CA ILE C 250 14.21 -7.94 2.71
C ILE C 250 12.67 -7.84 2.55
N ASN C 251 12.19 -7.72 1.30
CA ASN C 251 10.80 -7.82 0.94
C ASN C 251 9.87 -6.71 1.47
N VAL C 252 10.48 -5.58 1.74
CA VAL C 252 9.82 -4.36 2.11
C VAL C 252 9.29 -3.72 0.80
N ILE C 253 10.13 -3.60 -0.21
CA ILE C 253 9.64 -3.15 -1.50
C ILE C 253 9.32 -4.42 -2.31
N LYS C 254 8.14 -4.54 -2.89
CA LYS C 254 7.89 -5.81 -3.62
C LYS C 254 7.75 -5.70 -5.14
N ASN D 13 11.33 44.10 -42.69
CA ASN D 13 10.38 43.02 -42.26
C ASN D 13 10.93 42.26 -41.04
N GLU D 14 12.18 41.80 -41.05
CA GLU D 14 12.76 41.14 -39.87
C GLU D 14 13.00 42.12 -38.72
N ASN D 15 12.76 41.70 -37.47
CA ASN D 15 12.92 42.53 -36.29
C ASN D 15 14.43 42.71 -36.07
N GLN D 16 14.91 43.95 -36.04
CA GLN D 16 16.35 44.17 -35.93
C GLN D 16 16.93 43.97 -34.56
N PHE D 17 16.08 44.20 -33.57
CA PHE D 17 16.46 43.99 -32.17
C PHE D 17 16.71 42.52 -31.92
N MET D 18 15.79 41.67 -32.43
CA MET D 18 16.04 40.25 -32.42
C MET D 18 17.27 39.88 -33.18
N LYS D 19 17.43 40.39 -34.42
CA LYS D 19 18.62 40.07 -35.19
C LYS D 19 19.91 40.39 -34.51
N GLU D 20 19.97 41.52 -33.82
CA GLU D 20 21.13 41.90 -33.13
C GLU D 20 21.57 40.84 -32.10
N ILE D 21 20.58 40.27 -31.42
CA ILE D 21 20.82 39.26 -30.40
C ILE D 21 21.40 38.04 -31.01
N PHE D 22 20.74 37.51 -32.02
CA PHE D 22 21.18 36.29 -32.63
C PHE D 22 22.60 36.39 -33.16
N GLU D 23 22.85 37.50 -33.87
CA GLU D 23 24.18 37.67 -34.44
C GLU D 23 25.26 37.83 -33.37
N ARG D 24 24.97 38.62 -32.33
CA ARG D 24 25.93 38.86 -31.24
C ARG D 24 26.33 37.57 -30.51
N LYS D 25 25.33 36.72 -30.28
CA LYS D 25 25.55 35.46 -29.64
C LYS D 25 25.99 34.31 -30.56
N GLY D 26 25.99 34.56 -31.86
CA GLY D 26 26.44 33.55 -32.85
C GLY D 26 25.51 32.36 -32.91
N LEU D 27 24.22 32.61 -32.69
CA LEU D 27 23.26 31.52 -32.68
C LEU D 27 22.53 31.42 -34.02
N ASN D 28 22.18 30.21 -34.36
CA ASN D 28 21.33 29.92 -35.50
C ASN D 28 19.96 29.52 -34.92
N GLY D 29 18.91 30.23 -35.32
CA GLY D 29 17.56 29.91 -34.87
C GLY D 29 16.55 30.88 -35.40
N THR D 30 15.37 30.85 -34.81
CA THR D 30 14.23 31.71 -35.19
C THR D 30 13.52 32.16 -33.95
N PHE D 31 12.79 33.25 -34.05
CA PHE D 31 11.99 33.81 -32.89
C PHE D 31 10.79 34.52 -33.51
N VAL D 32 9.62 34.15 -33.05
CA VAL D 32 8.36 34.73 -33.46
C VAL D 32 7.57 35.21 -32.27
N VAL D 33 7.03 36.42 -32.36
CA VAL D 33 6.11 36.97 -31.34
C VAL D 33 4.90 37.48 -32.07
N TYR D 34 3.73 37.10 -31.59
CA TYR D 34 2.44 37.64 -32.02
C TYR D 34 1.88 38.55 -30.97
N ASP D 35 1.59 39.82 -31.34
CA ASP D 35 1.00 40.84 -30.47
C ASP D 35 -0.48 40.83 -30.84
N LEU D 36 -1.32 40.35 -29.95
CA LEU D 36 -2.75 40.25 -30.21
C LEU D 36 -3.43 41.63 -30.41
N LYS D 37 -3.23 42.56 -29.46
CA LYS D 37 -3.95 43.84 -29.50
C LYS D 37 -3.64 44.51 -30.83
N ASN D 38 -2.40 44.43 -31.29
CA ASN D 38 -1.99 45.16 -32.50
C ASN D 38 -1.98 44.28 -33.74
N ASP D 39 -2.38 43.02 -33.55
CA ASP D 39 -2.47 42.00 -34.63
C ASP D 39 -1.24 42.02 -35.50
N LYS D 40 -0.08 41.88 -34.83
CA LYS D 40 1.20 42.15 -35.41
C LYS D 40 2.19 41.05 -35.07
N ILE D 41 2.92 40.58 -36.06
CA ILE D 41 3.99 39.61 -35.88
C ILE D 41 5.32 40.31 -35.95
N ASP D 42 6.20 40.00 -35.00
CA ASP D 42 7.67 40.29 -35.08
C ASP D 42 8.50 39.01 -35.16
N TYR D 43 9.44 38.90 -36.09
CA TYR D 43 10.18 37.69 -36.24
C TYR D 43 11.66 37.91 -36.60
N TYR D 44 12.46 36.91 -36.35
CA TYR D 44 13.83 36.78 -36.85
C TYR D 44 13.86 35.42 -37.56
N ASN D 45 14.33 35.48 -38.82
CA ASN D 45 14.55 34.31 -39.67
C ASN D 45 13.25 33.66 -40.11
N LEU D 46 12.60 34.29 -41.10
CA LEU D 46 11.23 33.90 -41.46
C LEU D 46 11.19 32.49 -42.04
N ASP D 47 12.19 32.13 -42.81
CA ASP D 47 12.20 30.82 -43.44
C ASP D 47 12.26 29.74 -42.36
N ARG D 48 13.05 30.00 -41.32
CA ARG D 48 13.11 29.02 -40.24
C ARG D 48 11.91 29.12 -39.36
N ALA D 49 11.29 30.28 -39.23
CA ALA D 49 10.08 30.40 -38.45
C ALA D 49 9.01 29.45 -39.01
N ASN D 50 9.04 29.22 -40.31
CA ASN D 50 8.08 28.35 -41.00
C ASN D 50 8.60 26.92 -41.18
N GLU D 51 9.81 26.64 -40.70
CA GLU D 51 10.39 25.29 -40.82
C GLU D 51 9.87 24.48 -39.59
N ARG D 52 9.37 23.28 -39.86
CA ARG D 52 8.91 22.36 -38.87
C ARG D 52 10.04 21.47 -38.26
N PHE D 53 10.05 21.35 -36.94
CA PHE D 53 11.05 20.58 -36.18
C PHE D 53 10.28 19.69 -35.21
N TYR D 54 10.90 18.63 -34.75
CA TYR D 54 10.30 17.85 -33.65
C TYR D 54 10.00 18.78 -32.50
N PRO D 55 8.78 18.69 -31.88
CA PRO D 55 8.47 19.62 -30.77
C PRO D 55 9.14 19.21 -29.48
N ALA D 56 9.60 17.98 -29.35
CA ALA D 56 10.08 17.51 -28.07
C ALA D 56 9.12 17.88 -26.96
N SER D 57 9.61 18.21 -25.76
CA SER D 57 8.72 18.37 -24.63
C SER D 57 7.80 19.58 -24.73
N SER D 58 7.99 20.46 -25.72
CA SER D 58 7.00 21.52 -25.90
C SER D 58 5.62 20.95 -26.22
N PHE D 59 5.55 19.70 -26.70
CA PHE D 59 4.30 19.00 -26.93
C PHE D 59 3.51 18.69 -25.72
N ILE D 61 2.36 20.51 -23.55
CA ILE D 61 1.17 21.43 -23.40
C ILE D 61 -0.09 20.76 -23.99
N PHE D 62 0.05 20.27 -25.22
CA PHE D 62 -1.09 19.76 -25.94
C PHE D 62 -1.37 18.30 -25.66
N ASN D 63 -0.34 17.51 -25.33
CA ASN D 63 -0.64 16.20 -24.77
C ASN D 63 -1.55 16.27 -23.57
N THR D 64 -1.30 17.27 -22.70
CA THR D 64 -2.13 17.43 -21.50
C THR D 64 -3.56 17.67 -21.95
N LEU D 65 -3.70 18.62 -22.87
CA LEU D 65 -5.04 19.07 -23.24
C LEU D 65 -5.84 17.88 -23.80
N ILE D 66 -5.23 17.11 -24.69
CA ILE D 66 -5.87 15.92 -25.27
C ILE D 66 -6.19 14.88 -24.20
N GLY D 67 -5.28 14.66 -23.23
CA GLY D 67 -5.58 13.82 -22.15
C GLY D 67 -6.75 14.26 -21.30
N LEU D 68 -6.86 15.56 -20.97
CA LEU D 68 -7.98 16.05 -20.19
C LEU D 68 -9.31 15.91 -20.98
N GLU D 69 -9.27 16.19 -22.30
CA GLU D 69 -10.49 16.19 -23.07
C GLU D 69 -11.04 14.75 -23.17
N ASN D 70 -10.14 13.73 -23.20
CA ASN D 70 -10.55 12.33 -23.20
C ASN D 70 -10.83 11.73 -21.80
N GLY D 71 -10.75 12.54 -20.74
CA GLY D 71 -10.94 12.05 -19.34
C GLY D 71 -9.94 10.99 -18.88
N ILE D 72 -8.70 11.05 -19.39
CA ILE D 72 -7.72 10.07 -18.97
C ILE D 72 -7.45 10.30 -17.48
N VAL D 73 -7.35 11.56 -17.09
CA VAL D 73 -7.46 11.95 -15.68
C VAL D 73 -8.62 12.90 -15.53
N LYS D 74 -9.08 13.02 -14.28
CA LYS D 74 -10.15 13.90 -13.94
C LYS D 74 -9.75 15.40 -14.02
N ASN D 75 -8.51 15.66 -13.67
CA ASN D 75 -7.94 17.03 -13.76
C ASN D 75 -6.42 16.90 -13.54
N VAL D 76 -5.71 18.00 -13.70
CA VAL D 76 -4.29 17.99 -13.63
C VAL D 76 -3.73 17.79 -12.22
N ASP D 77 -4.59 17.74 -11.17
CA ASP D 77 -4.16 17.50 -9.79
C ASP D 77 -4.33 16.02 -9.35
N GLU D 78 -4.88 15.22 -10.23
CA GLU D 78 -5.11 13.80 -9.99
C GLU D 78 -3.88 13.01 -10.09
N MET D 79 -3.54 12.26 -9.09
CA MET D 79 -2.37 11.39 -9.17
CA MET D 79 -2.39 11.34 -9.11
C MET D 79 -2.53 10.41 -10.35
N PHE D 80 -1.48 10.32 -11.17
CA PHE D 80 -1.54 9.62 -12.41
C PHE D 80 -0.31 8.70 -12.69
N TYR D 81 0.88 9.20 -12.45
CA TYR D 81 2.09 8.48 -12.71
C TYR D 81 2.55 7.95 -11.40
N TYR D 82 2.91 6.65 -11.36
CA TYR D 82 3.37 5.96 -10.13
C TYR D 82 4.79 5.49 -10.44
N TYR D 83 5.72 6.11 -9.72
CA TYR D 83 7.12 5.80 -9.95
C TYR D 83 7.38 4.33 -9.43
N ASP D 84 8.44 3.76 -9.96
CA ASP D 84 8.72 2.33 -9.86
C ASP D 84 10.16 2.01 -9.68
N GLY D 85 10.99 3.00 -9.43
CA GLY D 85 12.44 2.74 -9.21
C GLY D 85 13.26 2.77 -10.48
N SER D 86 12.59 2.93 -11.62
CA SER D 86 13.26 2.81 -12.94
C SER D 86 14.22 4.01 -13.23
N LYS D 87 15.11 3.86 -14.19
CA LYS D 87 16.05 4.90 -14.51
C LYS D 87 15.30 6.08 -15.09
N VAL D 88 15.67 7.28 -14.61
CA VAL D 88 15.10 8.55 -15.04
C VAL D 88 16.21 9.55 -15.26
N PHE D 89 16.07 10.35 -16.29
CA PHE D 89 17.09 11.30 -16.62
C PHE D 89 17.36 12.42 -15.61
N LEU D 90 16.31 12.90 -14.96
CA LEU D 90 16.31 13.89 -13.92
C LEU D 90 15.76 13.31 -12.62
N ASP D 91 16.42 13.66 -11.50
CA ASP D 91 16.07 13.14 -10.16
C ASP D 91 14.68 13.56 -9.82
N SER D 92 14.25 14.71 -10.33
CA SER D 92 12.92 15.21 -10.02
C SER D 92 11.81 14.30 -10.57
N TRP D 93 12.22 13.46 -11.54
CA TRP D 93 11.28 12.52 -12.12
C TRP D 93 11.02 11.26 -11.27
N ALA D 94 11.86 11.02 -10.29
CA ALA D 94 11.87 9.75 -9.50
C ALA D 94 10.80 9.80 -8.35
N LYS D 95 9.54 10.02 -8.72
CA LYS D 95 8.47 10.14 -7.73
C LYS D 95 7.10 10.18 -8.41
N ASP D 96 6.11 9.63 -7.67
CA ASP D 96 4.73 9.66 -8.10
C ASP D 96 4.33 11.11 -8.45
N SER D 97 3.39 11.31 -9.33
CA SER D 97 3.04 12.62 -9.77
C SER D 97 1.64 12.67 -10.39
N ASN D 98 1.11 13.89 -10.40
CA ASN D 98 0.01 14.32 -11.21
C ASN D 98 0.52 15.14 -12.41
N LEU D 99 -0.37 15.46 -13.35
CA LEU D 99 0.12 16.14 -14.56
C LEU D 99 0.68 17.53 -14.35
N ARG D 100 0.17 18.25 -13.37
CA ARG D 100 0.67 19.58 -13.08
C ARG D 100 2.15 19.50 -12.73
N TYR D 101 2.50 18.56 -11.84
CA TYR D 101 3.96 18.37 -11.52
C TYR D 101 4.72 17.90 -12.72
N ALA D 102 4.16 16.93 -13.39
CA ALA D 102 4.83 16.35 -14.54
C ALA D 102 5.21 17.33 -15.57
N ILE D 103 4.35 18.27 -15.90
CA ILE D 103 4.71 19.27 -16.91
C ILE D 103 5.79 20.20 -16.44
N LYS D 104 5.68 20.62 -15.15
CA LYS D 104 6.64 21.56 -14.55
C LYS D 104 8.09 21.03 -14.62
N VAL D 105 8.27 19.70 -14.46
CA VAL D 105 9.61 19.10 -14.42
C VAL D 105 9.94 18.42 -15.74
N SER D 106 8.95 18.41 -16.59
CA SER D 106 9.10 17.73 -17.91
C SER D 106 9.37 16.24 -17.76
N GLN D 107 8.51 15.60 -16.99
CA GLN D 107 8.62 14.15 -16.61
C GLN D 107 8.12 13.25 -17.71
N VAL D 108 9.04 12.96 -18.59
CA VAL D 108 8.77 12.21 -19.83
C VAL D 108 8.04 10.88 -19.54
N PRO D 109 8.45 10.09 -18.54
CA PRO D 109 7.71 8.81 -18.28
C PRO D 109 6.23 9.01 -18.02
N ALA D 110 5.83 10.11 -17.36
CA ALA D 110 4.43 10.36 -17.16
C ALA D 110 3.67 10.64 -18.43
N TYR D 111 4.34 11.30 -19.35
CA TYR D 111 3.72 11.67 -20.60
C TYR D 111 3.71 10.58 -21.62
N LYS D 112 4.67 9.71 -21.48
CA LYS D 112 4.66 8.47 -22.25
CA LYS D 112 4.65 8.48 -22.26
C LYS D 112 3.46 7.59 -21.83
N LYS D 113 3.21 7.50 -20.56
CA LYS D 113 2.09 6.75 -19.99
CA LYS D 113 2.10 6.75 -20.01
C LYS D 113 0.78 7.37 -20.47
N LEU D 114 0.70 8.72 -20.43
CA LEU D 114 -0.50 9.39 -20.93
C LEU D 114 -0.78 9.08 -22.41
N ALA D 115 0.27 9.11 -23.22
CA ALA D 115 0.16 8.83 -24.65
C ALA D 115 -0.29 7.39 -24.94
N ARG D 116 0.32 6.40 -24.25
CA ARG D 116 -0.05 5.00 -24.41
C ARG D 116 -1.52 4.82 -24.05
N GLU D 117 -1.93 5.39 -22.92
CA GLU D 117 -3.32 5.27 -22.49
C GLU D 117 -4.32 5.92 -23.48
N LEU D 118 -3.97 7.06 -24.03
CA LEU D 118 -4.77 7.67 -25.04
C LEU D 118 -4.91 6.74 -26.23
N GLY D 119 -3.79 6.19 -26.66
CA GLY D 119 -3.79 5.37 -27.81
C GLY D 119 -3.72 6.11 -29.15
N LYS D 120 -3.26 5.47 -30.24
CA LYS D 120 -3.07 6.19 -31.48
C LYS D 120 -4.36 6.82 -31.98
N GLU D 121 -5.49 6.12 -31.90
CA GLU D 121 -6.71 6.67 -32.49
C GLU D 121 -7.06 7.99 -31.85
N ARG D 122 -7.12 8.01 -30.53
CA ARG D 122 -7.51 9.17 -29.87
C ARG D 122 -6.45 10.29 -29.95
N MET D 123 -5.18 9.89 -30.00
CA MET D 123 -4.11 10.88 -30.12
C MET D 123 -4.14 11.54 -31.49
N GLN D 124 -4.39 10.71 -32.49
CA GLN D 124 -4.49 11.27 -33.86
C GLN D 124 -5.67 12.23 -33.97
N GLU D 125 -6.81 11.87 -33.36
CA GLU D 125 -8.02 12.73 -33.30
CA GLU D 125 -7.97 12.75 -33.37
C GLU D 125 -7.65 14.08 -32.66
N GLY D 126 -6.82 14.05 -31.62
CA GLY D 126 -6.44 15.27 -30.93
C GLY D 126 -5.54 16.17 -31.77
N LEU D 127 -4.56 15.54 -32.39
CA LEU D 127 -3.65 16.26 -33.25
C LEU D 127 -4.43 16.87 -34.40
N ASN D 128 -5.40 16.13 -34.95
CA ASN D 128 -6.13 16.58 -36.10
C ASN D 128 -7.10 17.73 -35.75
N LYS D 129 -7.71 17.66 -34.58
CA LYS D 129 -8.57 18.75 -34.05
C LYS D 129 -7.76 20.05 -33.87
N LEU D 130 -6.53 19.93 -33.37
CA LEU D 130 -5.61 21.04 -33.19
C LEU D 130 -4.92 21.46 -34.49
N ASN D 131 -5.05 20.65 -35.55
CA ASN D 131 -4.21 20.83 -36.76
C ASN D 131 -2.75 21.05 -36.40
N TYR D 132 -2.25 20.18 -35.52
CA TYR D 132 -0.92 20.36 -34.88
C TYR D 132 0.23 19.98 -35.78
N GLY D 133 0.96 20.97 -36.27
CA GLY D 133 2.12 20.68 -37.11
C GLY D 133 1.74 19.71 -38.24
N ASN D 134 2.61 18.73 -38.49
CA ASN D 134 2.40 17.80 -39.59
C ASN D 134 1.46 16.63 -39.19
N LYS D 135 1.09 16.63 -37.90
CA LYS D 135 0.07 15.64 -37.40
C LYS D 135 0.55 14.18 -37.53
N GLU D 136 1.84 13.92 -37.58
CA GLU D 136 2.33 12.60 -37.82
C GLU D 136 2.61 11.91 -36.47
N ILE D 137 2.14 10.69 -36.40
CA ILE D 137 2.42 9.82 -35.29
C ILE D 137 3.32 8.65 -35.63
N GLY D 138 3.15 8.05 -36.80
CA GLY D 138 3.96 6.88 -37.08
C GLY D 138 3.57 5.72 -36.17
N SER D 139 4.52 4.81 -36.01
CA SER D 139 4.25 3.56 -35.38
C SER D 139 4.38 3.55 -33.87
N GLU D 140 5.01 4.56 -33.25
CA GLU D 140 5.41 4.54 -31.86
C GLU D 140 4.59 5.58 -31.09
N ILE D 141 3.55 5.10 -30.37
CA ILE D 141 2.65 6.05 -29.66
C ILE D 141 3.39 6.82 -28.55
N ASP D 142 4.51 6.27 -28.08
CA ASP D 142 5.25 6.79 -26.92
C ASP D 142 6.49 7.55 -27.29
N LYS D 143 6.74 7.75 -28.60
CA LYS D 143 7.97 8.40 -29.06
C LYS D 143 7.74 9.50 -30.11
N PHE D 144 6.54 9.66 -30.62
CA PHE D 144 6.35 10.42 -31.83
C PHE D 144 6.68 11.88 -31.77
N TRP D 145 6.66 12.45 -30.57
CA TRP D 145 6.93 13.88 -30.36
C TRP D 145 8.40 14.16 -30.07
N LEU D 146 9.18 13.10 -29.84
CA LEU D 146 10.56 13.21 -29.34
C LEU D 146 11.61 12.94 -30.38
N GLU D 147 11.34 12.11 -31.39
CA GLU D 147 12.37 11.56 -32.30
C GLU D 147 11.86 11.45 -33.72
N GLY D 148 10.83 12.24 -33.97
CA GLY D 148 10.03 12.09 -35.19
C GLY D 148 8.98 11.04 -35.02
N PRO D 149 7.93 11.06 -35.88
CA PRO D 149 7.81 11.91 -37.11
C PRO D 149 7.09 13.22 -36.93
N LEU D 150 6.55 13.48 -35.74
CA LEU D 150 5.85 14.73 -35.53
C LEU D 150 6.79 15.93 -35.68
N LYS D 151 6.35 16.97 -36.43
CA LYS D 151 7.08 18.22 -36.49
C LYS D 151 6.12 19.40 -36.51
N ILE D 152 6.54 20.53 -35.95
CA ILE D 152 5.75 21.71 -35.95
C ILE D 152 6.71 22.93 -36.03
N SER D 153 6.30 24.00 -36.72
CA SER D 153 7.13 25.22 -36.87
C SER D 153 6.91 26.23 -35.75
N ALA D 154 7.85 27.14 -35.58
CA ALA D 154 7.65 28.23 -34.60
C ALA D 154 6.37 29.10 -34.86
N MET D 155 6.08 29.35 -36.13
CA MET D 155 4.91 30.05 -36.49
C MET D 155 3.68 29.31 -36.13
N GLU D 156 3.69 27.99 -36.35
CA GLU D 156 2.55 27.14 -35.91
C GLU D 156 2.32 27.11 -34.42
N GLN D 157 3.43 27.05 -33.66
CA GLN D 157 3.30 27.10 -32.21
C GLN D 157 2.63 28.36 -31.80
N VAL D 158 3.09 29.50 -32.30
CA VAL D 158 2.52 30.81 -31.90
C VAL D 158 1.04 30.88 -32.16
N LYS D 159 0.62 30.41 -33.34
CA LYS D 159 -0.81 30.44 -33.67
C LYS D 159 -1.65 29.60 -32.71
N LEU D 160 -1.14 28.43 -32.35
CA LEU D 160 -1.90 27.58 -31.33
C LEU D 160 -1.95 28.26 -30.01
N LEU D 161 -0.84 28.81 -29.58
CA LEU D 161 -0.75 29.42 -28.25
C LEU D 161 -1.64 30.67 -28.12
N ASN D 162 -1.73 31.46 -29.19
CA ASN D 162 -2.60 32.65 -29.24
C ASN D 162 -4.06 32.19 -29.00
N LEU D 163 -4.41 31.07 -29.59
CA LEU D 163 -5.75 30.53 -29.37
C LEU D 163 -5.93 29.91 -27.99
N LEU D 164 -4.95 29.10 -27.58
CA LEU D 164 -5.01 28.53 -26.21
C LEU D 164 -5.14 29.64 -25.13
N SER D 165 -4.35 30.68 -25.23
CA SER D 165 -4.29 31.72 -24.20
C SER D 165 -5.67 32.44 -24.03
N GLN D 166 -6.52 32.33 -25.08
CA GLN D 166 -7.87 32.94 -25.10
C GLN D 166 -8.96 31.90 -24.97
N SER D 167 -8.58 30.65 -24.67
CA SER D 167 -9.53 29.54 -24.62
C SER D 167 -10.34 29.35 -25.91
N LYS D 168 -9.71 29.64 -27.05
CA LYS D 168 -10.37 29.59 -28.33
C LYS D 168 -10.18 28.30 -29.11
N LEU D 169 -9.52 27.28 -28.56
CA LEU D 169 -9.39 26.05 -29.24
C LEU D 169 -10.65 25.21 -29.04
N PRO D 170 -10.87 24.17 -29.88
CA PRO D 170 -12.08 23.35 -29.86
C PRO D 170 -12.03 22.26 -28.78
N PHE D 171 -11.90 22.75 -27.52
CA PHE D 171 -11.74 21.98 -26.31
C PHE D 171 -12.51 22.59 -25.13
N LYS D 172 -12.88 21.77 -24.09
CA LYS D 172 -13.65 22.26 -22.96
CA LYS D 172 -13.65 22.27 -22.97
C LYS D 172 -12.90 23.47 -22.33
N LEU D 173 -13.61 24.53 -22.03
CA LEU D 173 -13.04 25.70 -21.42
C LEU D 173 -12.26 25.35 -20.17
N GLU D 174 -12.82 24.48 -19.32
CA GLU D 174 -12.14 24.11 -18.09
C GLU D 174 -10.81 23.37 -18.31
N ASN D 175 -10.73 22.65 -19.42
CA ASN D 175 -9.47 21.95 -19.80
C ASN D 175 -8.43 22.89 -20.33
N GLN D 176 -8.86 23.86 -21.10
CA GLN D 176 -7.92 24.89 -21.60
C GLN D 176 -7.46 25.72 -20.39
N GLU D 177 -8.32 26.02 -19.43
CA GLU D 177 -7.91 26.75 -18.21
CA GLU D 177 -7.88 26.75 -18.23
C GLU D 177 -6.86 26.00 -17.38
N GLN D 178 -7.06 24.70 -17.25
CA GLN D 178 -6.11 23.90 -16.51
C GLN D 178 -4.73 23.97 -17.17
N VAL D 179 -4.66 23.84 -18.50
CA VAL D 179 -3.40 23.92 -19.20
C VAL D 179 -2.78 25.30 -19.03
N LYS D 180 -3.54 26.38 -19.16
CA LYS D 180 -3.01 27.72 -18.81
CA LYS D 180 -2.98 27.69 -18.82
C LYS D 180 -2.42 27.69 -17.39
N ASP D 181 -3.16 27.13 -16.41
CA ASP D 181 -2.74 27.24 -15.01
C ASP D 181 -1.45 26.46 -14.73
N ILE D 182 -1.31 25.28 -15.34
CA ILE D 182 -0.12 24.48 -15.02
C ILE D 182 1.14 25.01 -15.70
N THR D 183 0.98 25.87 -16.71
CA THR D 183 2.13 26.40 -17.43
C THR D 183 2.56 27.78 -16.96
N ILE D 184 2.04 28.27 -15.84
CA ILE D 184 2.49 29.54 -15.27
C ILE D 184 3.94 29.46 -14.81
N LEU D 185 4.76 30.35 -15.38
CA LEU D 185 6.18 30.44 -15.04
C LEU D 185 6.47 31.61 -14.09
N GLU D 186 5.94 32.80 -14.43
CA GLU D 186 6.17 33.97 -13.59
C GLU D 186 4.94 34.86 -13.61
N LYS D 187 4.30 35.03 -12.46
CA LYS D 187 3.12 35.91 -12.31
CA LYS D 187 3.11 35.90 -12.31
C LYS D 187 3.57 37.15 -11.53
N LYS D 188 3.44 38.32 -12.16
CA LYS D 188 3.69 39.61 -11.53
C LYS D 188 2.46 40.50 -11.75
N ASP D 189 2.50 41.68 -11.15
CA ASP D 189 1.33 42.57 -11.22
C ASP D 189 1.01 42.94 -12.65
N ASP D 190 2.05 43.16 -13.42
CA ASP D 190 1.87 43.72 -14.75
C ASP D 190 1.95 42.73 -15.91
N PHE D 191 2.30 41.47 -15.65
CA PHE D 191 2.37 40.50 -16.71
C PHE D 191 2.36 39.08 -16.05
N ILE D 192 1.82 38.10 -16.79
CA ILE D 192 1.97 36.69 -16.41
CA ILE D 192 1.96 36.69 -16.41
C ILE D 192 2.55 35.95 -17.61
N LEU D 193 3.68 35.31 -17.39
CA LEU D 193 4.35 34.53 -18.35
C LEU D 193 4.00 33.05 -18.16
N HIS D 194 3.64 32.41 -19.27
CA HIS D 194 3.35 30.95 -19.43
C HIS D 194 4.30 30.41 -20.46
N GLY D 195 4.73 29.17 -20.31
CA GLY D 195 5.46 28.50 -21.40
C GLY D 195 5.93 27.11 -21.10
N LYS D 196 6.75 26.60 -22.00
CA LYS D 196 7.25 25.26 -21.88
C LYS D 196 8.52 25.16 -22.69
N THR D 197 9.55 24.55 -22.14
CA THR D 197 10.81 24.28 -22.81
C THR D 197 10.80 22.86 -23.43
N GLY D 198 11.68 22.68 -24.38
CA GLY D 198 11.97 21.35 -24.97
C GLY D 198 13.30 21.33 -25.62
N TRP D 199 13.83 20.12 -25.82
CA TRP D 199 15.13 19.92 -26.44
C TRP D 199 15.11 18.64 -27.26
N ALA D 200 15.10 18.82 -28.58
CA ALA D 200 15.08 17.66 -29.53
C ALA D 200 16.47 17.22 -29.78
N THR D 201 16.87 16.06 -29.24
CA THR D 201 18.22 15.53 -29.49
C THR D 201 18.31 14.14 -30.12
N ASP D 202 17.18 13.43 -30.20
CA ASP D 202 17.13 12.06 -30.72
C ASP D 202 16.79 12.07 -32.19
N ASN D 203 17.48 11.26 -32.98
CA ASN D 203 17.16 11.08 -34.38
C ASN D 203 17.14 12.40 -35.21
N ILE D 204 18.12 13.23 -34.97
CA ILE D 204 18.14 14.56 -35.55
C ILE D 204 19.60 14.93 -35.87
N VAL D 205 19.84 15.51 -37.03
CA VAL D 205 21.27 15.79 -37.37
C VAL D 205 21.83 16.93 -36.46
N VAL D 206 21.02 17.97 -36.35
CA VAL D 206 21.37 19.15 -35.55
C VAL D 206 20.32 19.31 -34.42
N PRO D 207 20.67 19.06 -33.12
CA PRO D 207 19.72 19.18 -32.02
C PRO D 207 19.22 20.64 -31.87
N ILE D 208 17.94 20.79 -31.55
CA ILE D 208 17.23 22.05 -31.47
C ILE D 208 16.61 22.23 -30.08
N GLY D 209 16.76 23.40 -29.48
CA GLY D 209 16.03 23.72 -28.29
C GLY D 209 14.89 24.67 -28.53
N TRP D 210 13.75 24.42 -27.86
CA TRP D 210 12.53 25.23 -27.92
C TRP D 210 12.25 25.97 -26.63
N PHE D 211 11.64 27.14 -26.72
CA PHE D 211 10.87 27.70 -25.62
C PHE D 211 9.68 28.41 -26.22
N VAL D 212 8.51 28.02 -25.79
CA VAL D 212 7.25 28.56 -26.37
C VAL D 212 6.29 28.95 -25.29
N GLY D 213 5.44 29.92 -25.54
CA GLY D 213 4.51 30.32 -24.48
C GLY D 213 3.74 31.59 -24.88
N TRP D 214 3.35 32.31 -23.90
CA TRP D 214 2.69 33.61 -24.04
C TRP D 214 2.84 34.43 -22.75
N ILE D 215 2.63 35.72 -22.90
CA ILE D 215 2.59 36.67 -21.77
C ILE D 215 1.29 37.46 -21.85
N GLU D 216 0.54 37.45 -20.76
CA GLU D 216 -0.69 38.22 -20.73
C GLU D 216 -0.44 39.44 -19.87
N THR D 217 -0.84 40.60 -20.35
CA THR D 217 -0.78 41.85 -19.62
C THR D 217 -2.24 42.38 -19.44
N SER D 218 -2.38 43.59 -18.91
CA SER D 218 -3.71 44.08 -18.62
C SER D 218 -4.50 44.34 -19.92
N ASP D 219 -3.78 44.58 -21.03
CA ASP D 219 -4.20 45.04 -22.36
CA ASP D 219 -4.46 44.88 -22.31
C ASP D 219 -4.01 44.06 -23.52
N ASN D 220 -3.21 43.00 -23.35
CA ASN D 220 -2.65 42.31 -24.50
C ASN D 220 -2.23 40.92 -24.10
N ILE D 221 -2.00 40.14 -25.10
CA ILE D 221 -1.44 38.80 -25.00
C ILE D 221 -0.36 38.72 -26.12
N TYR D 222 0.89 38.38 -25.76
CA TYR D 222 2.01 38.19 -26.70
C TYR D 222 2.35 36.69 -26.67
N SER D 223 2.08 36.02 -27.78
CA SER D 223 2.37 34.62 -27.96
C SER D 223 3.72 34.53 -28.59
N PHE D 224 4.52 33.54 -28.22
CA PHE D 224 5.87 33.49 -28.71
C PHE D 224 6.38 32.06 -28.92
N ALA D 225 7.41 31.95 -29.74
CA ALA D 225 8.19 30.71 -29.88
C ALA D 225 9.60 31.00 -30.40
N ILE D 226 10.61 30.42 -29.74
CA ILE D 226 11.98 30.51 -30.16
C ILE D 226 12.50 29.08 -30.29
N ASN D 227 13.24 28.86 -31.32
CA ASN D 227 14.06 27.65 -31.37
C ASN D 227 15.46 27.96 -31.87
N LEU D 228 16.42 27.22 -31.37
CA LEU D 228 17.88 27.47 -31.57
C LEU D 228 18.59 26.18 -31.74
N ASP D 229 19.65 26.18 -32.52
CA ASP D 229 20.52 24.99 -32.62
C ASP D 229 21.34 24.97 -31.33
N ILE D 230 21.14 23.95 -30.51
CA ILE D 230 21.84 23.77 -29.25
C ILE D 230 22.24 22.28 -29.13
N SER D 231 23.55 22.07 -29.06
CA SER D 231 24.01 20.74 -28.70
C SER D 231 24.53 20.56 -27.29
N ASP D 232 24.86 21.64 -26.62
CA ASP D 232 25.39 21.62 -25.26
C ASP D 232 24.31 22.09 -24.31
N SER D 233 23.94 21.24 -23.35
CA SER D 233 22.96 21.61 -22.29
C SER D 233 23.26 22.94 -21.55
N LYS D 234 24.54 23.26 -21.44
CA LYS D 234 24.93 24.52 -20.81
C LYS D 234 24.36 25.77 -21.54
N PHE D 235 24.03 25.65 -22.80
CA PHE D 235 23.43 26.77 -23.55
C PHE D 235 21.90 26.80 -23.59
N LEU D 236 21.29 25.79 -23.02
CA LEU D 236 19.86 25.80 -23.01
C LEU D 236 19.19 27.00 -22.32
N PRO D 237 19.82 27.61 -21.30
CA PRO D 237 19.22 28.79 -20.68
C PRO D 237 19.06 30.01 -21.60
N LYS D 238 19.80 29.99 -22.73
CA LYS D 238 19.71 31.04 -23.73
CA LYS D 238 19.70 31.06 -23.71
C LYS D 238 18.32 31.16 -24.37
N ARG D 239 17.52 30.09 -24.43
CA ARG D 239 16.18 30.17 -25.02
C ARG D 239 15.38 31.25 -24.26
N GLU D 240 15.22 31.07 -22.97
CA GLU D 240 14.43 31.98 -22.15
C GLU D 240 15.12 33.29 -21.98
N GLU D 241 16.45 33.32 -21.93
CA GLU D 241 17.15 34.60 -21.80
C GLU D 241 16.77 35.53 -22.96
N ILE D 242 16.85 34.99 -24.20
CA ILE D 242 16.59 35.81 -25.41
C ILE D 242 15.15 36.32 -25.39
N VAL D 243 14.20 35.44 -25.03
CA VAL D 243 12.83 35.86 -24.98
C VAL D 243 12.63 36.98 -23.94
N ARG D 244 13.22 36.85 -22.78
CA ARG D 244 13.12 37.85 -21.79
C ARG D 244 13.81 39.17 -22.22
N GLU D 245 14.95 39.08 -22.94
CA GLU D 245 15.68 40.31 -23.40
C GLU D 245 14.72 41.11 -24.29
N TYR D 246 14.04 40.41 -25.24
CA TYR D 246 13.04 41.05 -26.07
C TYR D 246 11.89 41.70 -25.31
N PHE D 247 11.28 40.96 -24.39
CA PHE D 247 10.11 41.50 -23.71
C PHE D 247 10.45 42.56 -22.65
N LYS D 248 11.64 42.57 -22.09
CA LYS D 248 12.09 43.69 -21.25
C LYS D 248 12.27 44.91 -22.20
N ASN D 249 12.86 44.76 -23.39
CA ASN D 249 13.09 45.90 -24.28
C ASN D 249 11.80 46.65 -24.67
N ILE D 250 10.72 45.92 -24.84
CA ILE D 250 9.42 46.50 -25.18
C ILE D 250 8.55 46.75 -23.96
N ASN D 251 9.18 46.64 -22.80
CA ASN D 251 8.56 47.03 -21.52
C ASN D 251 7.26 46.22 -21.15
N VAL D 252 7.24 44.96 -21.59
CA VAL D 252 6.21 44.02 -21.20
C VAL D 252 6.59 43.31 -19.90
N ILE D 253 7.83 42.82 -19.84
CA ILE D 253 8.40 42.34 -18.60
C ILE D 253 8.96 43.54 -17.90
N LYS D 254 8.27 43.92 -16.83
CA LYS D 254 8.63 45.06 -16.02
C LYS D 254 7.95 44.95 -14.66
#